data_9MHQ
#
_entry.id   9MHQ
#
_cell.length_a   132.747
_cell.length_b   132.747
_cell.length_c   122.164
_cell.angle_alpha   90.00
_cell.angle_beta   90.00
_cell.angle_gamma   120.00
#
_symmetry.space_group_name_H-M   'P 63'
#
loop_
_entity.id
_entity.type
_entity.pdbx_description
1 polymer 'Coproheme decarboxylase'
2 non-polymer 'harderoheme (III)'
3 non-polymer 'PHOSPHATE ION'
4 non-polymer 'SODIUM ION'
5 water water
#
_entity_poly.entity_id   1
_entity_poly.type   'polypeptide(L)'
_entity_poly.pdbx_seq_one_letter_code
;MSDDASTPAAERIPNKGKLAKDLNEVIRYTLWSVFKLKDTLPEDRAGYADEVQELFDQLAAKDVTIRGTYDLSGLRADAD
LMIWWHAETADQLQEAYNLFRRTKLGRALEPVWSNMALHRPAEFNRSHIPAFLADETPRNYISVYPFVRSYDWYLLPDED
RRRMLADHVKMARGYPDVRANTVASFSLGDYEWILAFEADELHRIVDLMRHLRGSEARRHVREEIPFYTGRRKDIGELVA
GLA
;
_entity_poly.pdbx_strand_id   A,B,C,D,E
#
loop_
_chem_comp.id
_chem_comp.type
_chem_comp.name
_chem_comp.formula
NA non-polymer 'SODIUM ION' 'Na 1'
PO4 non-polymer 'PHOSPHATE ION' 'O4 P -3'
VOV non-polymer 'harderoheme (III)' 'C35 H34 Fe N4 O6'
#
# COMPACT_ATOMS: atom_id res chain seq x y z
N GLU A 25 -0.50 -17.78 34.73
CA GLU A 25 0.56 -18.79 34.72
C GLU A 25 0.29 -19.90 33.71
N VAL A 26 -0.87 -19.83 33.04
CA VAL A 26 -1.21 -20.75 31.96
C VAL A 26 -0.74 -20.15 30.65
N ILE A 27 -0.37 -21.00 29.70
CA ILE A 27 0.05 -20.58 28.37
C ILE A 27 -1.01 -21.04 27.37
N ARG A 28 -1.69 -20.08 26.74
CA ARG A 28 -2.67 -20.39 25.71
C ARG A 28 -2.47 -19.43 24.54
N TYR A 29 -2.17 -19.97 23.37
CA TYR A 29 -2.02 -19.18 22.16
C TYR A 29 -3.35 -19.13 21.44
N THR A 30 -3.69 -17.96 20.90
CA THR A 30 -4.97 -17.77 20.22
C THR A 30 -4.67 -17.15 18.86
N LEU A 31 -5.33 -17.67 17.83
CA LEU A 31 -5.06 -17.33 16.43
C LEU A 31 -6.36 -16.93 15.78
N TRP A 32 -6.37 -15.80 15.06
CA TRP A 32 -7.50 -15.41 14.23
C TRP A 32 -7.05 -15.47 12.77
N SER A 33 -7.67 -16.37 11.99
CA SER A 33 -7.31 -16.58 10.59
C SER A 33 -8.47 -16.16 9.70
N VAL A 34 -8.21 -15.22 8.81
CA VAL A 34 -9.20 -14.59 7.94
C VAL A 34 -8.89 -14.99 6.50
N PHE A 35 -9.94 -15.39 5.75
CA PHE A 35 -9.79 -15.85 4.36
C PHE A 35 -10.83 -15.17 3.48
N LYS A 36 -10.55 -15.10 2.19
CA LYS A 36 -11.51 -14.62 1.21
C LYS A 36 -11.67 -15.65 0.10
N LEU A 37 -12.86 -15.71 -0.48
CA LEU A 37 -13.11 -16.57 -1.64
C LEU A 37 -12.19 -16.21 -2.80
N LYS A 38 -11.65 -17.22 -3.49
CA LYS A 38 -10.96 -16.95 -4.74
C LYS A 38 -11.93 -16.36 -5.77
N ASP A 39 -13.10 -16.99 -5.92
CA ASP A 39 -14.20 -16.41 -6.71
C ASP A 39 -15.52 -16.70 -5.98
N THR A 40 -16.14 -17.83 -6.29
CA THR A 40 -17.30 -18.32 -5.53
C THR A 40 -17.11 -19.81 -5.30
N LEU A 41 -17.99 -20.38 -4.48
CA LEU A 41 -17.95 -21.81 -4.25
C LEU A 41 -18.76 -22.52 -5.33
N PRO A 42 -18.51 -23.80 -5.56
CA PRO A 42 -19.34 -24.53 -6.53
C PRO A 42 -20.80 -24.48 -6.08
N GLU A 43 -21.69 -24.36 -7.06
CA GLU A 43 -23.12 -24.51 -6.81
C GLU A 43 -23.42 -25.80 -6.04
N ASP A 44 -22.73 -26.89 -6.37
CA ASP A 44 -22.86 -28.15 -5.62
C ASP A 44 -21.64 -28.31 -4.71
N ARG A 45 -21.87 -28.20 -3.41
CA ARG A 45 -20.82 -28.16 -2.40
C ARG A 45 -21.14 -29.11 -1.25
N ALA A 46 -21.65 -30.31 -1.57
CA ALA A 46 -22.23 -31.17 -0.54
C ALA A 46 -21.19 -31.63 0.49
N GLY A 47 -19.97 -31.91 0.05
CA GLY A 47 -19.01 -32.38 1.03
C GLY A 47 -18.14 -31.34 1.73
N TYR A 48 -18.33 -30.05 1.43
CA TYR A 48 -17.41 -29.03 1.93
C TYR A 48 -17.50 -28.87 3.44
N ALA A 49 -18.68 -28.56 3.97
CA ALA A 49 -18.78 -28.31 5.41
C ALA A 49 -18.51 -29.58 6.22
N ASP A 50 -18.97 -30.73 5.70
CA ASP A 50 -18.75 -32.01 6.39
C ASP A 50 -17.27 -32.24 6.62
N GLU A 51 -16.48 -32.17 5.54
CA GLU A 51 -15.05 -32.37 5.63
C GLU A 51 -14.42 -31.45 6.66
N VAL A 52 -14.79 -30.16 6.64
CA VAL A 52 -14.21 -29.22 7.61
C VAL A 52 -14.61 -29.59 9.02
N GLN A 53 -15.88 -29.95 9.23
CA GLN A 53 -16.33 -30.36 10.56
C GLN A 53 -15.58 -31.59 11.06
N GLU A 54 -15.30 -32.56 10.18
CA GLU A 54 -14.49 -33.69 10.61
C GLU A 54 -13.14 -33.23 11.12
N LEU A 55 -12.49 -32.33 10.37
CA LEU A 55 -11.19 -31.80 10.78
C LEU A 55 -11.29 -31.12 12.13
N PHE A 56 -12.34 -30.32 12.33
CA PHE A 56 -12.52 -29.62 13.60
C PHE A 56 -12.64 -30.62 14.75
N ASP A 57 -13.37 -31.72 14.52
CA ASP A 57 -13.49 -32.77 15.52
C ASP A 57 -12.16 -33.45 15.78
N GLN A 58 -11.39 -33.73 14.72
CA GLN A 58 -10.09 -34.34 14.91
C GLN A 58 -9.18 -33.41 15.69
N LEU A 59 -9.24 -32.10 15.41
CA LEU A 59 -8.43 -31.15 16.15
C LEU A 59 -8.87 -31.03 17.60
N ALA A 60 -10.18 -31.10 17.87
CA ALA A 60 -10.64 -31.07 19.26
C ALA A 60 -10.02 -32.20 20.08
N ALA A 61 -9.76 -33.34 19.44
CA ALA A 61 -9.08 -34.48 20.07
C ALA A 61 -7.60 -34.24 20.28
N LYS A 62 -7.07 -33.09 19.89
CA LYS A 62 -5.70 -32.69 20.20
C LYS A 62 -5.68 -31.44 21.07
N ASP A 63 -6.81 -31.14 21.74
CA ASP A 63 -7.02 -29.90 22.49
C ASP A 63 -6.63 -28.65 21.70
N VAL A 64 -6.99 -28.64 20.42
CA VAL A 64 -7.09 -27.39 19.67
C VAL A 64 -8.57 -27.02 19.62
N THR A 65 -8.91 -25.89 20.22
CA THR A 65 -10.29 -25.46 20.31
C THR A 65 -10.65 -24.52 19.17
N ILE A 66 -11.77 -24.79 18.51
CA ILE A 66 -12.37 -23.84 17.59
C ILE A 66 -13.39 -23.05 18.41
N ARG A 67 -13.11 -21.77 18.67
CA ARG A 67 -14.08 -20.96 19.39
C ARG A 67 -15.21 -20.51 18.47
N GLY A 68 -14.95 -20.33 17.19
CA GLY A 68 -16.02 -20.07 16.25
C GLY A 68 -15.50 -19.94 14.84
N THR A 69 -16.43 -20.07 13.90
CA THR A 69 -16.28 -19.64 12.52
C THR A 69 -17.25 -18.49 12.27
N TYR A 70 -16.81 -17.46 11.53
CA TYR A 70 -17.55 -16.20 11.41
C TYR A 70 -17.69 -15.80 9.96
N ASP A 71 -18.89 -15.37 9.58
CA ASP A 71 -19.17 -14.88 8.23
C ASP A 71 -18.83 -13.40 8.19
N LEU A 72 -17.79 -13.05 7.43
CA LEU A 72 -17.35 -11.67 7.26
C LEU A 72 -17.85 -11.02 5.97
N SER A 73 -18.48 -11.81 5.08
CA SER A 73 -18.77 -11.33 3.73
C SER A 73 -19.66 -10.10 3.77
N GLY A 74 -19.51 -9.27 2.73
CA GLY A 74 -20.27 -8.03 2.72
C GLY A 74 -19.80 -6.89 3.62
N LEU A 75 -19.53 -7.19 4.89
CA LEU A 75 -18.93 -6.15 5.71
C LEU A 75 -17.51 -5.83 5.29
N ARG A 76 -16.92 -6.69 4.46
CA ARG A 76 -15.54 -6.55 4.02
C ARG A 76 -15.48 -7.07 2.59
N ALA A 77 -15.00 -6.26 1.66
CA ALA A 77 -14.80 -6.73 0.28
C ALA A 77 -13.67 -7.75 0.19
N ASP A 78 -12.69 -7.71 1.08
CA ASP A 78 -11.54 -8.60 0.91
C ASP A 78 -11.47 -9.69 1.98
N ALA A 79 -12.62 -10.11 2.51
CA ALA A 79 -12.67 -11.16 3.53
C ALA A 79 -14.04 -11.81 3.52
N ASP A 80 -14.11 -13.11 3.77
CA ASP A 80 -15.39 -13.81 3.75
C ASP A 80 -15.58 -14.65 5.01
N LEU A 81 -14.47 -15.20 5.53
CA LEU A 81 -14.52 -16.17 6.62
C LEU A 81 -13.41 -15.90 7.63
N MET A 82 -13.75 -16.00 8.91
CA MET A 82 -12.79 -16.07 10.02
C MET A 82 -12.95 -17.34 10.84
N ILE A 83 -11.80 -17.96 11.15
CA ILE A 83 -11.69 -19.02 12.16
C ILE A 83 -10.93 -18.47 13.35
N TRP A 84 -11.50 -18.66 14.54
CA TRP A 84 -10.86 -18.34 15.81
C TRP A 84 -10.55 -19.67 16.49
N TRP A 85 -9.27 -19.95 16.70
CA TRP A 85 -8.85 -21.20 17.32
C TRP A 85 -7.71 -20.90 18.28
N HIS A 86 -7.64 -21.71 19.36
CA HIS A 86 -6.61 -21.53 20.37
C HIS A 86 -6.12 -22.89 20.87
N ALA A 87 -4.85 -22.92 21.24
CA ALA A 87 -4.20 -24.14 21.69
C ALA A 87 -3.07 -23.78 22.63
N GLU A 88 -2.49 -24.81 23.24
CA GLU A 88 -1.45 -24.64 24.23
C GLU A 88 -0.11 -24.20 23.61
N THR A 89 0.15 -24.55 22.34
CA THR A 89 1.34 -24.08 21.65
C THR A 89 1.01 -23.44 20.30
N ALA A 90 1.90 -22.54 19.88
CA ALA A 90 1.81 -22.00 18.52
C ALA A 90 1.84 -23.10 17.47
N ASP A 91 2.64 -24.14 17.70
CA ASP A 91 2.87 -25.17 16.69
C ASP A 91 1.60 -25.92 16.34
N GLN A 92 0.79 -26.24 17.34
CA GLN A 92 -0.48 -26.90 17.07
C GLN A 92 -1.36 -26.04 16.17
N LEU A 93 -1.37 -24.72 16.37
CA LEU A 93 -2.21 -23.87 15.52
C LEU A 93 -1.68 -23.80 14.09
N GLN A 94 -0.35 -23.88 13.90
CA GLN A 94 0.19 -23.94 12.54
C GLN A 94 -0.28 -25.19 11.84
N GLU A 95 -0.11 -26.35 12.48
CA GLU A 95 -0.57 -27.59 11.89
C GLU A 95 -2.05 -27.50 11.50
N ALA A 96 -2.90 -27.03 12.43
CA ALA A 96 -4.34 -26.90 12.14
C ALA A 96 -4.59 -26.00 10.92
N TYR A 97 -3.91 -24.85 10.87
CA TYR A 97 -4.07 -23.92 9.75
C TYR A 97 -3.75 -24.60 8.42
N ASN A 98 -2.64 -25.34 8.37
CA ASN A 98 -2.26 -26.02 7.13
C ASN A 98 -3.22 -27.17 6.80
N LEU A 99 -3.68 -27.89 7.82
CA LEU A 99 -4.71 -28.90 7.59
C LEU A 99 -5.96 -28.28 6.97
N PHE A 100 -6.40 -27.13 7.50
CA PHE A 100 -7.57 -26.48 6.94
C PHE A 100 -7.36 -26.14 5.48
N ARG A 101 -6.18 -25.60 5.14
CA ARG A 101 -5.93 -25.18 3.76
C ARG A 101 -5.95 -26.34 2.77
N ARG A 102 -5.88 -27.59 3.26
CA ARG A 102 -5.94 -28.77 2.41
C ARG A 102 -7.38 -29.21 2.10
N THR A 103 -8.35 -28.82 2.93
CA THR A 103 -9.75 -29.17 2.67
C THR A 103 -10.22 -28.54 1.36
N LYS A 104 -11.32 -29.08 0.81
CA LYS A 104 -11.92 -28.49 -0.39
C LYS A 104 -12.28 -27.02 -0.15
N LEU A 105 -12.91 -26.71 0.99
CA LEU A 105 -13.20 -25.32 1.35
C LEU A 105 -11.92 -24.49 1.43
N GLY A 106 -10.92 -24.98 2.14
CA GLY A 106 -9.64 -24.27 2.18
C GLY A 106 -9.04 -24.01 0.81
N ARG A 107 -9.24 -24.93 -0.14
CA ARG A 107 -8.70 -24.77 -1.49
C ARG A 107 -9.44 -23.72 -2.31
N ALA A 108 -10.64 -23.35 -1.91
CA ALA A 108 -11.43 -22.32 -2.58
C ALA A 108 -11.20 -20.94 -1.98
N LEU A 109 -10.29 -20.81 -1.02
CA LEU A 109 -10.05 -19.61 -0.25
C LEU A 109 -8.62 -19.13 -0.46
N GLU A 110 -8.42 -17.79 -0.34
CA GLU A 110 -7.13 -17.13 -0.22
C GLU A 110 -6.93 -16.67 1.21
N PRO A 111 -5.78 -16.96 1.82
CA PRO A 111 -5.47 -16.34 3.13
C PRO A 111 -5.36 -14.83 2.96
N VAL A 112 -5.92 -14.10 3.93
CA VAL A 112 -5.94 -12.64 3.92
C VAL A 112 -5.12 -12.08 5.06
N TRP A 113 -5.39 -12.56 6.28
CA TRP A 113 -4.82 -11.99 7.49
C TRP A 113 -4.90 -13.07 8.56
N SER A 114 -3.78 -13.39 9.19
CA SER A 114 -3.78 -14.47 10.17
C SER A 114 -2.82 -14.10 11.27
N ASN A 115 -3.34 -13.78 12.46
CA ASN A 115 -2.51 -13.20 13.50
C ASN A 115 -2.69 -13.91 14.83
N MET A 116 -1.57 -14.19 15.49
CA MET A 116 -1.54 -14.93 16.76
C MET A 116 -1.28 -13.97 17.90
N ALA A 117 -1.84 -14.30 19.06
CA ALA A 117 -1.58 -13.56 20.29
C ALA A 117 -1.40 -14.57 21.41
N LEU A 118 -0.95 -14.08 22.56
CA LEU A 118 -0.61 -14.92 23.70
C LEU A 118 -1.06 -14.22 24.97
N HIS A 119 -1.86 -14.89 25.79
CA HIS A 119 -2.29 -14.26 27.03
C HIS A 119 -1.10 -14.15 27.99
N ARG A 120 -0.81 -12.92 28.46
CA ARG A 120 0.22 -12.56 29.42
C ARG A 120 -0.43 -11.74 30.53
N PRO A 121 0.02 -11.90 31.77
CA PRO A 121 -0.63 -11.19 32.89
C PRO A 121 -0.62 -9.68 32.72
N ALA A 122 -1.70 -9.05 33.18
CA ALA A 122 -1.90 -7.62 33.00
C ALA A 122 -0.95 -6.82 33.89
N GLU A 123 -0.66 -5.59 33.47
CA GLU A 123 0.25 -4.75 34.22
C GLU A 123 -0.34 -4.34 35.57
N PHE A 124 -1.65 -4.12 35.61
CA PHE A 124 -2.29 -3.64 36.84
C PHE A 124 -3.44 -4.55 37.25
N ASN A 125 -4.54 -4.53 36.49
CA ASN A 125 -5.73 -5.33 36.82
C ASN A 125 -5.46 -6.78 36.42
N ARG A 126 -4.82 -7.52 37.33
CA ARG A 126 -4.64 -8.95 37.10
C ARG A 126 -5.96 -9.72 37.19
N SER A 127 -7.03 -9.07 37.64
CA SER A 127 -8.34 -9.67 37.79
C SER A 127 -9.11 -9.79 36.48
N HIS A 128 -8.51 -9.39 35.36
CA HIS A 128 -9.16 -9.43 34.06
C HIS A 128 -8.42 -10.40 33.14
N ILE A 129 -9.16 -11.37 32.61
CA ILE A 129 -8.63 -12.30 31.62
C ILE A 129 -9.59 -12.31 30.43
N PRO A 130 -9.12 -12.74 29.27
CA PRO A 130 -10.00 -12.74 28.08
C PRO A 130 -11.12 -13.75 28.22
N ALA A 131 -12.27 -13.42 27.61
CA ALA A 131 -13.47 -14.26 27.74
C ALA A 131 -13.21 -15.69 27.32
N PHE A 132 -12.43 -15.91 26.27
CA PHE A 132 -12.27 -17.25 25.73
C PHE A 132 -11.46 -18.14 26.66
N LEU A 133 -10.59 -17.55 27.48
CA LEU A 133 -9.88 -18.30 28.50
C LEU A 133 -10.74 -18.51 29.75
N ALA A 134 -11.70 -17.61 29.97
CA ALA A 134 -12.69 -17.86 31.00
C ALA A 134 -13.80 -18.79 30.53
N ASP A 135 -13.62 -19.37 29.33
CA ASP A 135 -14.52 -20.38 28.76
C ASP A 135 -15.98 -19.95 28.71
N GLU A 136 -16.29 -18.66 28.79
CA GLU A 136 -17.68 -18.30 28.59
C GLU A 136 -18.05 -18.42 27.12
N THR A 137 -19.37 -18.46 26.87
CA THR A 137 -19.90 -18.86 25.59
C THR A 137 -19.69 -17.76 24.55
N PRO A 138 -19.30 -18.13 23.32
CA PRO A 138 -19.16 -17.12 22.26
C PRO A 138 -20.52 -16.58 21.82
N ARG A 139 -20.51 -15.31 21.45
CA ARG A 139 -21.71 -14.56 21.17
C ARG A 139 -22.01 -14.57 19.66
N ASN A 140 -23.14 -13.95 19.30
CA ASN A 140 -23.58 -13.92 17.90
C ASN A 140 -22.59 -13.17 17.02
N TYR A 141 -22.06 -12.05 17.50
CA TYR A 141 -21.24 -11.16 16.67
C TYR A 141 -19.85 -11.00 17.26
N ILE A 142 -18.88 -10.79 16.38
CA ILE A 142 -17.51 -10.47 16.77
C ILE A 142 -17.03 -9.24 16.01
N SER A 143 -16.10 -8.52 16.63
CA SER A 143 -15.32 -7.49 15.97
C SER A 143 -13.88 -7.64 16.42
N VAL A 144 -12.97 -7.97 15.50
CA VAL A 144 -11.58 -8.25 15.82
C VAL A 144 -10.72 -7.17 15.17
N TYR A 145 -9.71 -6.67 15.90
CA TYR A 145 -8.77 -5.74 15.30
C TYR A 145 -7.46 -5.71 16.07
N PRO A 146 -6.36 -5.39 15.41
CA PRO A 146 -5.07 -5.31 16.09
C PRO A 146 -4.91 -3.92 16.68
N PHE A 147 -3.86 -3.76 17.47
CA PHE A 147 -3.68 -2.51 18.19
C PHE A 147 -2.21 -2.21 18.40
N VAL A 148 -1.82 -0.96 18.20
CA VAL A 148 -0.46 -0.52 18.46
C VAL A 148 -0.56 0.81 19.20
N ARG A 149 0.09 0.90 20.35
CA ARG A 149 0.03 2.13 21.12
C ARG A 149 1.11 3.12 20.69
N SER A 150 0.98 4.37 21.15
CA SER A 150 2.00 5.37 20.86
C SER A 150 3.36 4.91 21.38
N TYR A 151 4.41 5.49 20.81
CA TYR A 151 5.75 5.18 21.28
C TYR A 151 5.95 5.54 22.76
N ASP A 152 5.30 6.60 23.27
CA ASP A 152 5.60 7.00 24.63
C ASP A 152 4.65 6.41 25.67
N TRP A 153 3.65 5.65 25.24
CA TRP A 153 2.69 5.07 26.19
C TRP A 153 3.39 4.19 27.22
N TYR A 154 4.28 3.29 26.79
CA TYR A 154 4.94 2.41 27.74
C TYR A 154 6.03 3.12 28.53
N LEU A 155 6.35 4.35 28.17
CA LEU A 155 7.33 5.19 28.85
C LEU A 155 6.72 6.11 29.91
N LEU A 156 5.39 6.30 29.90
CA LEU A 156 4.74 7.15 30.88
C LEU A 156 4.97 6.60 32.29
N PRO A 157 4.95 7.48 33.30
CA PRO A 157 5.00 6.98 34.68
C PRO A 157 3.82 6.05 34.96
N ASP A 158 4.11 4.98 35.70
CA ASP A 158 3.14 3.90 35.89
C ASP A 158 1.76 4.41 36.30
N GLU A 159 1.71 5.53 37.04
CA GLU A 159 0.43 6.04 37.51
C GLU A 159 -0.41 6.66 36.39
N ASP A 160 0.23 7.28 35.39
CA ASP A 160 -0.53 7.83 34.27
C ASP A 160 -1.20 6.72 33.48
N ARG A 161 -0.44 5.69 33.12
CA ARG A 161 -1.01 4.52 32.47
C ARG A 161 -2.12 3.90 33.32
N ARG A 162 -1.86 3.72 34.62
CA ARG A 162 -2.84 3.08 35.50
C ARG A 162 -4.14 3.87 35.52
N ARG A 163 -4.05 5.20 35.60
CA ARG A 163 -5.24 6.03 35.61
C ARG A 163 -6.01 5.90 34.30
N MET A 164 -5.32 5.95 33.17
CA MET A 164 -6.01 5.92 31.88
C MET A 164 -6.68 4.59 31.65
N LEU A 165 -6.01 3.49 31.99
CA LEU A 165 -6.63 2.17 31.83
C LEU A 165 -7.79 1.99 32.80
N ALA A 166 -7.65 2.52 34.01
CA ALA A 166 -8.73 2.39 35.00
C ALA A 166 -9.98 3.14 34.55
N ASP A 167 -9.82 4.40 34.12
CA ASP A 167 -10.98 5.16 33.65
C ASP A 167 -11.62 4.51 32.43
N HIS A 168 -10.81 3.93 31.57
CA HIS A 168 -11.35 3.30 30.37
C HIS A 168 -12.20 2.08 30.73
N VAL A 169 -11.79 1.32 31.74
CA VAL A 169 -12.62 0.21 32.22
C VAL A 169 -13.92 0.75 32.80
N LYS A 170 -13.87 1.89 33.47
CA LYS A 170 -15.08 2.48 34.04
C LYS A 170 -16.05 2.90 32.95
N MET A 171 -15.54 3.44 31.83
CA MET A 171 -16.38 3.83 30.71
C MET A 171 -17.09 2.63 30.08
N ALA A 172 -16.48 1.45 30.15
CA ALA A 172 -17.03 0.25 29.53
C ALA A 172 -18.00 -0.50 30.44
N ARG A 173 -18.16 -0.06 31.69
CA ARG A 173 -19.00 -0.77 32.64
C ARG A 173 -20.46 -0.71 32.27
N GLY A 174 -20.85 0.23 31.42
CA GLY A 174 -22.21 0.29 30.91
C GLY A 174 -22.53 -0.71 29.82
N TYR A 175 -21.57 -1.55 29.44
CA TYR A 175 -21.76 -2.55 28.38
C TYR A 175 -21.28 -3.92 28.86
N PRO A 176 -21.85 -4.45 29.94
CA PRO A 176 -21.46 -5.81 30.38
C PRO A 176 -21.80 -6.88 29.35
N ASP A 177 -22.76 -6.62 28.46
CA ASP A 177 -23.12 -7.58 27.43
C ASP A 177 -22.12 -7.65 26.27
N VAL A 178 -21.13 -6.76 26.22
CA VAL A 178 -20.05 -6.85 25.23
C VAL A 178 -18.84 -7.42 25.94
N ARG A 179 -18.42 -8.63 25.57
CA ARG A 179 -17.29 -9.29 26.21
C ARG A 179 -15.99 -8.94 25.48
N ALA A 180 -14.95 -8.65 26.27
CA ALA A 180 -13.67 -8.19 25.73
C ALA A 180 -12.66 -9.33 25.75
N ASN A 181 -11.81 -9.36 24.72
CA ASN A 181 -10.67 -10.28 24.63
C ASN A 181 -9.47 -9.44 24.17
N THR A 182 -8.63 -9.06 25.12
CA THR A 182 -7.43 -8.28 24.85
C THR A 182 -6.23 -9.18 25.12
N VAL A 183 -5.44 -9.46 24.09
CA VAL A 183 -4.39 -10.47 24.17
C VAL A 183 -3.10 -9.90 23.58
N ALA A 184 -1.99 -10.03 24.32
CA ALA A 184 -0.70 -9.50 23.89
C ALA A 184 -0.20 -10.22 22.63
N SER A 185 0.46 -9.47 21.74
CA SER A 185 0.98 -10.13 20.53
C SER A 185 2.33 -9.60 20.08
N PHE A 186 3.02 -8.81 20.92
CA PHE A 186 4.38 -8.36 20.67
C PHE A 186 5.23 -9.48 20.10
N SER A 187 5.88 -9.19 18.97
CA SER A 187 6.85 -9.98 18.22
C SER A 187 6.25 -11.22 17.54
N LEU A 188 4.94 -11.49 17.67
CA LEU A 188 4.31 -12.56 16.89
C LEU A 188 3.83 -12.11 15.52
N GLY A 189 3.87 -10.82 15.26
CA GLY A 189 3.31 -10.23 14.06
C GLY A 189 3.56 -8.75 14.15
N ASP A 190 2.82 -7.97 13.36
CA ASP A 190 3.12 -6.55 13.21
C ASP A 190 2.58 -5.68 14.35
N TYR A 191 1.97 -6.26 15.38
CA TYR A 191 1.18 -5.47 16.32
C TYR A 191 1.62 -5.71 17.77
N GLU A 192 0.97 -4.99 18.68
CA GLU A 192 1.20 -5.09 20.12
C GLU A 192 0.11 -5.84 20.85
N TRP A 193 -1.14 -5.67 20.43
CA TRP A 193 -2.28 -6.37 21.01
C TRP A 193 -3.19 -6.80 19.88
N ILE A 194 -3.90 -7.91 20.09
CA ILE A 194 -5.09 -8.26 19.30
C ILE A 194 -6.30 -8.17 20.21
N LEU A 195 -7.33 -7.44 19.77
CA LEU A 195 -8.58 -7.29 20.52
C LEU A 195 -9.71 -7.98 19.78
N ALA A 196 -10.62 -8.59 20.55
CA ALA A 196 -11.81 -9.22 20.00
C ALA A 196 -12.98 -8.94 20.93
N PHE A 197 -14.03 -8.32 20.41
CA PHE A 197 -15.23 -8.01 21.19
C PHE A 197 -16.38 -8.87 20.71
N GLU A 198 -17.08 -9.50 21.65
CA GLU A 198 -18.17 -10.41 21.37
C GLU A 198 -19.45 -9.82 21.96
N ALA A 199 -20.55 -9.86 21.18
CA ALA A 199 -21.84 -9.41 21.69
C ALA A 199 -22.94 -10.05 20.86
N ASP A 200 -24.11 -10.21 21.49
CA ASP A 200 -25.25 -10.81 20.80
C ASP A 200 -26.01 -9.81 19.95
N GLU A 201 -25.83 -8.51 20.22
CA GLU A 201 -26.42 -7.43 19.45
C GLU A 201 -25.29 -6.60 18.85
N LEU A 202 -25.21 -6.57 17.52
CA LEU A 202 -24.08 -5.91 16.85
C LEU A 202 -24.04 -4.43 17.19
N HIS A 203 -25.20 -3.77 17.30
CA HIS A 203 -25.21 -2.35 17.58
C HIS A 203 -24.59 -2.02 18.93
N ARG A 204 -24.56 -2.96 19.87
CA ARG A 204 -23.91 -2.70 21.15
C ARG A 204 -22.38 -2.65 21.02
N ILE A 205 -21.79 -3.36 20.04
CA ILE A 205 -20.36 -3.17 19.78
C ILE A 205 -20.10 -1.79 19.20
N VAL A 206 -20.94 -1.34 18.25
CA VAL A 206 -20.80 0.00 17.70
C VAL A 206 -20.88 1.06 18.80
N ASP A 207 -21.88 0.94 19.67
CA ASP A 207 -22.09 1.98 20.70
C ASP A 207 -20.95 2.02 21.71
N LEU A 208 -20.47 0.86 22.15
CA LEU A 208 -19.31 0.84 23.05
C LEU A 208 -18.10 1.49 22.41
N MET A 209 -17.81 1.13 21.16
CA MET A 209 -16.62 1.68 20.51
C MET A 209 -16.73 3.20 20.40
N ARG A 210 -17.93 3.69 20.02
CA ARG A 210 -18.16 5.13 19.98
C ARG A 210 -17.96 5.77 21.35
N HIS A 211 -18.53 5.17 22.39
CA HIS A 211 -18.39 5.72 23.74
C HIS A 211 -16.91 5.79 24.13
N LEU A 212 -16.17 4.73 23.85
CA LEU A 212 -14.78 4.69 24.30
C LEU A 212 -13.89 5.67 23.55
N ARG A 213 -14.41 6.36 22.52
CA ARG A 213 -13.62 7.43 21.90
C ARG A 213 -13.38 8.59 22.85
N GLY A 214 -14.18 8.71 23.91
CA GLY A 214 -13.97 9.76 24.90
C GLY A 214 -13.04 9.38 26.03
N SER A 215 -12.24 8.31 25.87
CA SER A 215 -11.26 7.90 26.87
C SER A 215 -9.93 8.56 26.61
N GLU A 216 -9.28 9.05 27.67
CA GLU A 216 -8.02 9.76 27.46
C GLU A 216 -6.94 8.86 26.86
N ALA A 217 -7.10 7.53 26.94
CA ALA A 217 -6.14 6.64 26.30
C ALA A 217 -6.11 6.79 24.77
N ARG A 218 -7.15 7.38 24.17
CA ARG A 218 -7.19 7.61 22.73
C ARG A 218 -6.07 8.53 22.24
N ARG A 219 -5.45 9.28 23.16
CA ARG A 219 -4.29 10.09 22.79
C ARG A 219 -3.03 9.26 22.62
N HIS A 220 -3.08 7.94 22.82
CA HIS A 220 -1.88 7.12 22.79
C HIS A 220 -2.09 5.90 21.90
N VAL A 221 -2.57 6.14 20.68
CA VAL A 221 -2.89 5.11 19.70
C VAL A 221 -2.09 5.41 18.44
N ARG A 222 -1.49 4.38 17.84
CA ARG A 222 -0.85 4.49 16.54
C ARG A 222 -1.54 3.71 15.43
N GLU A 223 -2.21 2.60 15.75
CA GLU A 223 -2.82 1.79 14.69
C GLU A 223 -3.86 0.87 15.31
N GLU A 224 -4.92 0.61 14.54
CA GLU A 224 -6.03 -0.19 15.05
C GLU A 224 -6.84 -0.79 13.90
N ILE A 225 -6.18 -1.08 12.79
CA ILE A 225 -6.81 -1.46 11.53
C ILE A 225 -6.01 -2.65 11.04
N PRO A 226 -6.60 -3.65 10.37
CA PRO A 226 -8.00 -3.74 9.88
C PRO A 226 -8.97 -4.23 10.91
N PHE A 227 -10.24 -3.85 10.76
CA PHE A 227 -11.33 -4.42 11.54
C PHE A 227 -11.98 -5.54 10.76
N TYR A 228 -12.19 -6.66 11.43
CA TYR A 228 -12.87 -7.80 10.84
C TYR A 228 -14.06 -8.08 11.75
N THR A 229 -15.24 -7.81 11.24
CA THR A 229 -16.47 -7.89 12.00
C THR A 229 -17.42 -8.82 11.27
N GLY A 230 -18.09 -9.69 12.01
CA GLY A 230 -18.92 -10.64 11.33
C GLY A 230 -19.85 -11.37 12.27
N ARG A 231 -20.51 -12.39 11.71
CA ARG A 231 -21.58 -13.12 12.38
C ARG A 231 -21.12 -14.55 12.64
N ARG A 232 -21.16 -14.97 13.91
CA ARG A 232 -20.84 -16.36 14.22
C ARG A 232 -21.84 -17.30 13.57
N LYS A 233 -21.33 -18.34 12.90
CA LYS A 233 -22.18 -19.30 12.22
C LYS A 233 -21.53 -20.67 12.29
N ASP A 234 -22.37 -21.69 12.36
CA ASP A 234 -21.92 -23.06 12.17
C ASP A 234 -21.40 -23.26 10.75
N ILE A 235 -20.43 -24.17 10.60
CA ILE A 235 -19.73 -24.26 9.32
C ILE A 235 -20.68 -24.69 8.21
N GLY A 236 -21.70 -25.49 8.52
CA GLY A 236 -22.65 -25.88 7.49
C GLY A 236 -23.43 -24.68 6.97
N GLU A 237 -23.99 -23.90 7.88
CA GLU A 237 -24.69 -22.68 7.50
C GLU A 237 -23.75 -21.68 6.82
N LEU A 238 -22.48 -21.64 7.26
CA LEU A 238 -21.59 -20.61 6.72
C LEU A 238 -21.24 -20.95 5.28
N VAL A 239 -20.93 -22.23 5.01
CA VAL A 239 -20.60 -22.68 3.65
C VAL A 239 -21.79 -22.52 2.72
N ALA A 240 -23.00 -22.78 3.22
CA ALA A 240 -24.17 -22.62 2.37
C ALA A 240 -24.48 -21.16 2.08
N GLY A 241 -24.16 -20.23 2.98
CA GLY A 241 -24.47 -18.83 2.73
C GLY A 241 -23.47 -18.10 1.83
N LEU A 242 -22.26 -18.61 1.70
CA LEU A 242 -21.23 -17.93 0.91
C LEU A 242 -21.52 -18.03 -0.57
N ALA A 243 -21.27 -16.93 -1.29
CA ALA A 243 -21.47 -16.87 -2.74
C ALA A 243 -20.95 -18.11 -3.47
N LYS B 21 39.40 -9.55 18.51
CA LYS B 21 39.43 -8.21 17.92
C LYS B 21 39.12 -8.27 16.42
N ASP B 22 39.47 -9.39 15.78
CA ASP B 22 39.09 -9.63 14.39
C ASP B 22 37.70 -10.27 14.29
N LEU B 23 36.84 -10.04 15.28
CA LEU B 23 35.46 -10.53 15.23
C LEU B 23 34.63 -9.66 14.28
N ASN B 24 34.47 -8.38 14.62
CA ASN B 24 33.79 -7.43 13.74
C ASN B 24 34.66 -7.03 12.55
N GLU B 25 35.91 -7.47 12.51
CA GLU B 25 36.82 -7.18 11.40
C GLU B 25 36.67 -8.15 10.23
N VAL B 26 36.00 -9.29 10.44
CA VAL B 26 35.67 -10.17 9.32
C VAL B 26 34.52 -9.53 8.55
N ILE B 27 34.17 -10.14 7.43
CA ILE B 27 33.03 -9.72 6.63
C ILE B 27 32.14 -10.95 6.45
N ARG B 28 30.93 -10.89 7.00
CA ARG B 28 29.95 -11.95 6.84
C ARG B 28 28.63 -11.28 6.49
N TYR B 29 28.12 -11.60 5.30
CA TYR B 29 26.80 -11.16 4.89
C TYR B 29 25.76 -12.18 5.35
N THR B 30 24.58 -11.71 5.69
CA THR B 30 23.52 -12.63 6.11
C THR B 30 22.22 -12.25 5.40
N LEU B 31 21.44 -13.25 5.00
CA LEU B 31 20.22 -13.05 4.22
C LEU B 31 19.07 -13.85 4.81
N TRP B 32 17.91 -13.18 4.98
CA TRP B 32 16.65 -13.82 5.38
C TRP B 32 15.69 -13.70 4.21
N SER B 33 15.32 -14.83 3.62
CA SER B 33 14.48 -14.89 2.42
C SER B 33 13.16 -15.54 2.78
N VAL B 34 12.06 -14.83 2.56
CA VAL B 34 10.71 -15.28 2.96
C VAL B 34 9.91 -15.59 1.71
N PHE B 35 9.23 -16.73 1.73
CA PHE B 35 8.41 -17.17 0.62
C PHE B 35 7.01 -17.53 1.07
N LYS B 36 6.07 -17.43 0.13
CA LYS B 36 4.67 -17.80 0.26
C LYS B 36 4.37 -18.94 -0.72
N LEU B 37 3.59 -19.92 -0.27
CA LEU B 37 3.09 -20.92 -1.21
C LEU B 37 2.27 -20.23 -2.30
N LYS B 38 2.46 -20.65 -3.57
CA LYS B 38 1.55 -20.17 -4.61
C LYS B 38 0.12 -20.62 -4.33
N ASP B 39 -0.06 -21.89 -3.98
CA ASP B 39 -1.35 -22.35 -3.50
C ASP B 39 -1.11 -23.41 -2.44
N THR B 40 -0.80 -24.62 -2.91
CA THR B 40 -0.63 -25.79 -2.09
C THR B 40 0.42 -26.68 -2.76
N LEU B 41 1.19 -27.41 -1.95
CA LEU B 41 2.09 -28.41 -2.51
C LEU B 41 1.29 -29.65 -2.97
N PRO B 42 1.81 -30.43 -3.90
CA PRO B 42 1.06 -31.61 -4.34
C PRO B 42 0.97 -32.62 -3.22
N GLU B 43 -0.08 -33.45 -3.29
CA GLU B 43 -0.22 -34.52 -2.29
C GLU B 43 1.00 -35.43 -2.31
N ASP B 44 1.38 -35.89 -3.50
CA ASP B 44 2.62 -36.64 -3.70
C ASP B 44 3.75 -35.65 -3.88
N ARG B 45 4.53 -35.44 -2.82
CA ARG B 45 5.65 -34.50 -2.82
C ARG B 45 6.95 -35.23 -2.48
N ALA B 46 7.09 -36.46 -3.01
CA ALA B 46 8.11 -37.40 -2.53
C ALA B 46 9.52 -36.82 -2.59
N GLY B 47 9.91 -36.25 -3.73
CA GLY B 47 11.29 -35.79 -3.79
C GLY B 47 11.55 -34.34 -3.36
N TYR B 48 10.53 -33.60 -2.91
CA TYR B 48 10.66 -32.14 -2.78
C TYR B 48 11.71 -31.77 -1.73
N ALA B 49 11.62 -32.36 -0.54
CA ALA B 49 12.57 -32.02 0.53
C ALA B 49 13.96 -32.56 0.25
N ASP B 50 14.05 -33.67 -0.47
CA ASP B 50 15.33 -34.29 -0.76
C ASP B 50 16.16 -33.43 -1.69
N GLU B 51 15.56 -33.00 -2.79
CA GLU B 51 16.22 -32.07 -3.71
C GLU B 51 16.78 -30.86 -2.96
N VAL B 52 16.00 -30.31 -2.02
CA VAL B 52 16.45 -29.10 -1.32
C VAL B 52 17.59 -29.44 -0.38
N GLN B 53 17.49 -30.56 0.34
CA GLN B 53 18.58 -31.00 1.20
C GLN B 53 19.87 -31.20 0.39
N GLU B 54 19.78 -31.80 -0.80
CA GLU B 54 20.93 -31.91 -1.70
C GLU B 54 21.57 -30.56 -1.94
N LEU B 55 20.74 -29.58 -2.36
CA LEU B 55 21.26 -28.25 -2.64
C LEU B 55 21.92 -27.66 -1.41
N PHE B 56 21.27 -27.80 -0.25
CA PHE B 56 21.85 -27.28 0.97
C PHE B 56 23.19 -27.94 1.29
N ASP B 57 23.31 -29.24 1.00
CA ASP B 57 24.59 -29.94 1.17
C ASP B 57 25.64 -29.38 0.21
N GLN B 58 25.27 -29.26 -1.07
CA GLN B 58 26.16 -28.65 -2.05
C GLN B 58 26.59 -27.25 -1.63
N LEU B 59 25.65 -26.45 -1.10
CA LEU B 59 25.99 -25.07 -0.75
C LEU B 59 26.94 -25.03 0.43
N ALA B 60 26.73 -25.92 1.41
CA ALA B 60 27.65 -26.03 2.53
C ALA B 60 29.06 -26.29 2.04
N ALA B 61 29.20 -27.08 0.96
CA ALA B 61 30.50 -27.28 0.30
C ALA B 61 31.01 -26.02 -0.43
N LYS B 62 30.31 -24.90 -0.30
CA LYS B 62 30.70 -23.61 -0.88
C LYS B 62 30.88 -22.54 0.18
N ASP B 63 30.92 -22.92 1.45
CA ASP B 63 30.95 -21.98 2.58
C ASP B 63 29.73 -21.04 2.57
N VAL B 64 28.59 -21.53 2.11
CA VAL B 64 27.31 -20.89 2.36
C VAL B 64 26.62 -21.67 3.46
N THR B 65 26.36 -21.00 4.59
CA THR B 65 25.78 -21.63 5.76
C THR B 65 24.27 -21.39 5.78
N ILE B 66 23.49 -22.47 5.78
CA ILE B 66 22.06 -22.39 6.10
C ILE B 66 21.93 -22.45 7.61
N ARG B 67 21.72 -21.30 8.26
CA ARG B 67 21.53 -21.36 9.71
C ARG B 67 20.21 -22.00 10.08
N GLY B 68 19.17 -21.82 9.29
CA GLY B 68 17.94 -22.54 9.57
C GLY B 68 16.89 -22.30 8.50
N THR B 69 15.93 -23.21 8.45
CA THR B 69 14.70 -23.04 7.69
C THR B 69 13.52 -23.04 8.66
N TYR B 70 12.62 -22.07 8.50
CA TYR B 70 11.59 -21.78 9.49
C TYR B 70 10.20 -21.86 8.87
N ASP B 71 9.26 -22.42 9.64
CA ASP B 71 7.86 -22.51 9.21
C ASP B 71 7.15 -21.26 9.72
N LEU B 72 6.72 -20.38 8.80
CA LEU B 72 6.03 -19.15 9.20
C LEU B 72 4.52 -19.26 9.02
N SER B 73 4.02 -20.39 8.53
CA SER B 73 2.61 -20.52 8.18
C SER B 73 1.71 -20.33 9.39
N GLY B 74 0.50 -19.83 9.14
CA GLY B 74 -0.45 -19.57 10.20
C GLY B 74 -0.20 -18.30 10.99
N LEU B 75 1.07 -18.03 11.32
CA LEU B 75 1.41 -16.78 12.01
C LEU B 75 1.38 -15.59 11.08
N ARG B 76 1.44 -15.82 9.77
CA ARG B 76 0.92 -14.80 8.88
C ARG B 76 0.40 -15.41 7.60
N ALA B 77 -0.49 -14.66 7.00
CA ALA B 77 -1.24 -15.09 5.83
C ALA B 77 -0.39 -15.04 4.57
N ASP B 78 0.59 -14.14 4.53
CA ASP B 78 1.33 -13.86 3.29
C ASP B 78 2.72 -14.48 3.28
N ALA B 79 2.94 -15.53 4.06
CA ALA B 79 4.28 -16.09 4.17
C ALA B 79 4.20 -17.49 4.76
N ASP B 80 5.05 -18.40 4.28
CA ASP B 80 4.97 -19.78 4.73
C ASP B 80 6.33 -20.30 5.18
N LEU B 81 7.41 -19.81 4.55
CA LEU B 81 8.71 -20.42 4.75
C LEU B 81 9.79 -19.34 4.77
N MET B 82 10.75 -19.45 5.68
CA MET B 82 11.90 -18.55 5.69
C MET B 82 13.19 -19.36 5.67
N ILE B 83 14.17 -18.88 4.91
CA ILE B 83 15.50 -19.43 4.91
C ILE B 83 16.44 -18.36 5.44
N TRP B 84 17.25 -18.73 6.42
CA TRP B 84 18.31 -17.89 6.96
C TRP B 84 19.64 -18.47 6.51
N TRP B 85 20.36 -17.75 5.65
CA TRP B 85 21.66 -18.17 5.16
C TRP B 85 22.66 -17.02 5.22
N HIS B 86 23.94 -17.36 5.39
CA HIS B 86 25.01 -16.38 5.46
C HIS B 86 26.27 -16.91 4.76
N ALA B 87 27.10 -15.97 4.29
CA ALA B 87 28.29 -16.30 3.52
C ALA B 87 29.21 -15.08 3.51
N GLU B 88 30.40 -15.24 2.93
CA GLU B 88 31.41 -14.19 2.95
C GLU B 88 31.10 -13.08 1.96
N THR B 89 30.38 -13.38 0.89
CA THR B 89 30.03 -12.38 -0.12
C THR B 89 28.52 -12.32 -0.35
N ALA B 90 28.04 -11.13 -0.70
CA ALA B 90 26.65 -11.01 -1.13
C ALA B 90 26.39 -11.88 -2.35
N ASP B 91 27.38 -11.95 -3.25
CA ASP B 91 27.26 -12.71 -4.50
C ASP B 91 26.94 -14.18 -4.26
N GLN B 92 27.60 -14.77 -3.26
CA GLN B 92 27.37 -16.19 -2.99
C GLN B 92 25.91 -16.45 -2.62
N LEU B 93 25.34 -15.54 -1.84
CA LEU B 93 23.95 -15.67 -1.39
C LEU B 93 22.97 -15.43 -2.53
N GLN B 94 23.30 -14.51 -3.45
CA GLN B 94 22.48 -14.34 -4.64
C GLN B 94 22.41 -15.64 -5.43
N GLU B 95 23.56 -16.28 -5.61
CA GLU B 95 23.59 -17.54 -6.34
C GLU B 95 22.73 -18.60 -5.66
N ALA B 96 22.86 -18.71 -4.34
CA ALA B 96 22.13 -19.71 -3.56
C ALA B 96 20.63 -19.48 -3.67
N TYR B 97 20.21 -18.22 -3.52
CA TYR B 97 18.82 -17.82 -3.71
C TYR B 97 18.25 -18.32 -5.01
N ASN B 98 18.93 -18.01 -6.12
CA ASN B 98 18.45 -18.42 -7.43
C ASN B 98 18.45 -19.94 -7.59
N LEU B 99 19.48 -20.62 -7.06
CA LEU B 99 19.50 -22.07 -7.11
C LEU B 99 18.31 -22.66 -6.38
N PHE B 100 17.99 -22.12 -5.21
CA PHE B 100 16.82 -22.60 -4.49
C PHE B 100 15.54 -22.40 -5.30
N ARG B 101 15.42 -21.27 -5.99
CA ARG B 101 14.21 -20.97 -6.75
C ARG B 101 14.01 -21.96 -7.91
N ARG B 102 15.07 -22.65 -8.35
CA ARG B 102 14.94 -23.65 -9.42
C ARG B 102 14.44 -25.01 -8.94
N THR B 103 14.58 -25.31 -7.64
CA THR B 103 14.08 -26.59 -7.12
C THR B 103 12.56 -26.69 -7.28
N LYS B 104 12.05 -27.92 -7.17
CA LYS B 104 10.61 -28.12 -7.25
C LYS B 104 9.87 -27.36 -6.16
N LEU B 105 10.38 -27.39 -4.92
CA LEU B 105 9.77 -26.61 -3.84
C LEU B 105 9.88 -25.11 -4.13
N GLY B 106 11.06 -24.65 -4.54
CA GLY B 106 11.20 -23.25 -4.92
C GLY B 106 10.22 -22.83 -6.00
N ARG B 107 9.93 -23.73 -6.95
CA ARG B 107 8.97 -23.39 -8.00
C ARG B 107 7.51 -23.41 -7.53
N ALA B 108 7.23 -23.95 -6.35
CA ALA B 108 5.90 -23.86 -5.78
C ALA B 108 5.73 -22.65 -4.87
N LEU B 109 6.74 -21.80 -4.78
CA LEU B 109 6.76 -20.69 -3.84
C LEU B 109 6.83 -19.36 -4.59
N GLU B 110 6.37 -18.31 -3.92
CA GLU B 110 6.45 -16.94 -4.39
C GLU B 110 7.37 -16.17 -3.47
N PRO B 111 8.40 -15.47 -3.97
CA PRO B 111 9.21 -14.62 -3.08
C PRO B 111 8.35 -13.53 -2.45
N VAL B 112 8.58 -13.26 -1.16
CA VAL B 112 7.77 -12.31 -0.39
C VAL B 112 8.61 -11.15 0.12
N TRP B 113 9.73 -11.47 0.74
CA TRP B 113 10.55 -10.45 1.39
C TRP B 113 11.91 -11.10 1.55
N SER B 114 12.96 -10.46 1.07
CA SER B 114 14.31 -11.03 1.07
C SER B 114 15.26 -9.88 1.35
N ASN B 115 15.85 -9.85 2.55
CA ASN B 115 16.70 -8.72 2.89
C ASN B 115 18.06 -9.16 3.43
N MET B 116 19.09 -8.46 2.95
CA MET B 116 20.47 -8.77 3.31
C MET B 116 20.99 -7.76 4.33
N ALA B 117 21.93 -8.23 5.13
CA ALA B 117 22.59 -7.40 6.13
C ALA B 117 24.04 -7.83 6.23
N LEU B 118 24.85 -7.01 6.88
CA LEU B 118 26.29 -7.24 6.93
C LEU B 118 26.82 -6.86 8.30
N HIS B 119 27.53 -7.77 8.96
CA HIS B 119 28.06 -7.43 10.28
C HIS B 119 29.13 -6.33 10.17
N ARG B 120 28.87 -5.18 10.84
CA ARG B 120 29.78 -4.07 11.08
C ARG B 120 29.97 -3.86 12.58
N PRO B 121 31.10 -3.29 13.01
CA PRO B 121 31.31 -3.10 14.46
C PRO B 121 30.31 -2.11 15.04
N ALA B 122 29.80 -2.43 16.22
CA ALA B 122 28.84 -1.55 16.88
C ALA B 122 29.50 -0.23 17.27
N GLU B 123 28.67 0.80 17.43
CA GLU B 123 29.20 2.15 17.68
C GLU B 123 29.88 2.25 19.04
N PHE B 124 29.39 1.53 20.04
CA PHE B 124 29.85 1.71 21.41
C PHE B 124 30.40 0.45 22.05
N ASN B 125 29.78 -0.71 21.80
CA ASN B 125 30.20 -1.99 22.38
C ASN B 125 30.57 -2.95 21.27
N ARG B 126 31.86 -2.96 20.87
CA ARG B 126 32.31 -3.91 19.87
C ARG B 126 32.32 -5.35 20.38
N SER B 127 31.87 -5.60 21.61
CA SER B 127 31.66 -6.93 22.13
C SER B 127 30.24 -7.44 21.87
N HIS B 128 29.44 -6.70 21.13
CA HIS B 128 28.14 -7.18 20.68
C HIS B 128 28.34 -7.85 19.34
N ILE B 129 28.29 -9.17 19.32
CA ILE B 129 28.48 -9.97 18.11
C ILE B 129 27.20 -10.74 17.87
N PRO B 130 26.63 -10.71 16.66
CA PRO B 130 25.38 -11.44 16.42
C PRO B 130 25.56 -12.91 16.71
N ALA B 131 24.50 -13.53 17.23
CA ALA B 131 24.57 -14.91 17.69
C ALA B 131 25.13 -15.83 16.61
N PHE B 132 24.64 -15.70 15.37
CA PHE B 132 25.13 -16.57 14.29
C PHE B 132 26.63 -16.41 14.08
N LEU B 133 27.18 -15.23 14.38
CA LEU B 133 28.63 -15.05 14.21
C LEU B 133 29.42 -15.56 15.40
N ALA B 134 28.82 -15.52 16.62
CA ALA B 134 29.39 -16.16 17.81
C ALA B 134 29.24 -17.69 17.80
N ASP B 135 28.72 -18.15 16.65
CA ASP B 135 28.42 -19.56 16.38
C ASP B 135 27.70 -20.23 17.54
N GLU B 136 26.67 -19.55 18.00
CA GLU B 136 25.73 -20.20 18.88
C GLU B 136 24.80 -21.07 18.04
N THR B 137 24.19 -22.06 18.69
CA THR B 137 23.31 -22.97 17.97
C THR B 137 21.92 -22.36 17.80
N PRO B 138 21.23 -22.66 16.69
CA PRO B 138 19.94 -22.00 16.43
C PRO B 138 18.86 -22.54 17.36
N ARG B 139 18.04 -21.63 17.89
CA ARG B 139 16.98 -22.00 18.80
C ARG B 139 15.73 -22.42 18.03
N ASN B 140 14.68 -22.77 18.76
CA ASN B 140 13.52 -23.39 18.11
C ASN B 140 12.62 -22.37 17.43
N TYR B 141 12.59 -21.12 17.95
CA TYR B 141 11.72 -20.06 17.44
C TYR B 141 12.54 -18.84 17.09
N ILE B 142 12.14 -18.15 16.01
CA ILE B 142 12.81 -16.95 15.58
C ILE B 142 11.77 -15.85 15.37
N SER B 143 12.17 -14.61 15.61
N SER B 143 12.17 -14.61 15.65
CA SER B 143 11.37 -13.44 15.27
CA SER B 143 11.39 -13.42 15.31
C SER B 143 12.29 -12.44 14.56
C SER B 143 12.32 -12.46 14.55
N VAL B 144 12.06 -12.25 13.26
CA VAL B 144 12.88 -11.40 12.39
C VAL B 144 12.11 -10.14 12.00
N TYR B 145 12.75 -8.98 12.06
CA TYR B 145 12.08 -7.77 11.59
C TYR B 145 13.10 -6.71 11.27
N PRO B 146 12.81 -5.80 10.33
CA PRO B 146 13.74 -4.72 10.00
C PRO B 146 13.53 -3.54 10.95
N PHE B 147 14.45 -2.59 10.88
CA PHE B 147 14.41 -1.49 11.82
C PHE B 147 14.94 -0.22 11.17
N VAL B 148 14.26 0.88 11.38
CA VAL B 148 14.71 2.19 10.95
C VAL B 148 14.57 3.13 12.14
N ARG B 149 15.65 3.85 12.45
CA ARG B 149 15.65 4.83 13.54
C ARG B 149 15.12 6.18 13.06
N SER B 150 14.80 7.04 14.03
CA SER B 150 14.41 8.41 13.77
C SER B 150 15.53 9.15 13.03
N TYR B 151 15.15 10.27 12.40
CA TYR B 151 16.13 11.01 11.62
C TYR B 151 17.26 11.55 12.49
N ASP B 152 16.96 11.89 13.74
CA ASP B 152 17.88 12.61 14.62
C ASP B 152 18.69 11.71 15.53
N TRP B 153 18.41 10.41 15.57
CA TRP B 153 19.14 9.47 16.43
C TRP B 153 20.64 9.51 16.15
N TYR B 154 21.02 9.46 14.87
CA TYR B 154 22.43 9.48 14.53
C TYR B 154 23.05 10.87 14.65
N LEU B 155 22.23 11.90 14.89
CA LEU B 155 22.72 13.26 15.13
C LEU B 155 22.84 13.60 16.61
N LEU B 156 22.34 12.74 17.51
CA LEU B 156 22.35 13.04 18.93
C LEU B 156 23.79 13.11 19.47
N PRO B 157 23.99 13.83 20.57
CA PRO B 157 25.26 13.73 21.29
C PRO B 157 25.57 12.28 21.59
N ASP B 158 26.81 11.87 21.29
CA ASP B 158 27.24 10.49 21.45
C ASP B 158 26.95 9.95 22.86
N GLU B 159 26.86 10.84 23.85
CA GLU B 159 26.50 10.42 25.20
C GLU B 159 25.07 9.91 25.26
N ASP B 160 24.14 10.61 24.61
CA ASP B 160 22.73 10.24 24.69
C ASP B 160 22.50 8.87 24.07
N ARG B 161 23.07 8.65 22.88
CA ARG B 161 22.97 7.34 22.24
C ARG B 161 23.59 6.25 23.10
N ARG B 162 24.78 6.52 23.66
CA ARG B 162 25.45 5.57 24.55
C ARG B 162 24.55 5.22 25.72
N ARG B 163 23.95 6.24 26.33
CA ARG B 163 23.09 6.02 27.49
C ARG B 163 21.86 5.21 27.12
N MET B 164 21.19 5.57 26.02
CA MET B 164 19.94 4.89 25.69
C MET B 164 20.17 3.45 25.25
N LEU B 165 21.30 3.18 24.58
CA LEU B 165 21.63 1.81 24.22
C LEU B 165 22.10 1.02 25.43
N ALA B 166 22.80 1.67 26.36
CA ALA B 166 23.15 1.03 27.63
C ALA B 166 21.90 0.73 28.44
N ASP B 167 20.98 1.71 28.50
CA ASP B 167 19.66 1.49 29.09
C ASP B 167 19.01 0.25 28.49
N HIS B 168 19.21 0.04 27.20
CA HIS B 168 18.52 -1.02 26.48
C HIS B 168 19.06 -2.39 26.83
N VAL B 169 20.38 -2.58 26.82
CA VAL B 169 20.93 -3.90 27.12
C VAL B 169 20.74 -4.23 28.59
N LYS B 170 20.67 -3.21 29.45
CA LYS B 170 20.41 -3.48 30.86
C LYS B 170 19.02 -4.07 31.06
N MET B 171 18.01 -3.52 30.37
CA MET B 171 16.67 -4.10 30.48
C MET B 171 16.61 -5.47 29.82
N ALA B 172 17.43 -5.71 28.80
CA ALA B 172 17.42 -7.03 28.18
C ALA B 172 18.09 -8.08 29.03
N ARG B 173 18.62 -7.71 30.20
CA ARG B 173 19.40 -8.64 31.01
C ARG B 173 18.53 -9.71 31.63
N GLY B 174 17.26 -9.42 31.83
CA GLY B 174 16.38 -10.44 32.40
C GLY B 174 16.00 -11.54 31.45
N TYR B 175 16.52 -11.52 30.22
CA TYR B 175 16.13 -12.48 29.18
C TYR B 175 17.35 -13.05 28.46
N PRO B 176 18.33 -13.62 29.21
CA PRO B 176 19.52 -14.16 28.54
C PRO B 176 19.25 -15.37 27.67
N ASP B 177 18.10 -16.02 27.81
CA ASP B 177 17.74 -17.12 26.92
C ASP B 177 17.29 -16.64 25.55
N VAL B 178 17.00 -15.35 25.38
CA VAL B 178 16.65 -14.81 24.07
C VAL B 178 17.91 -14.23 23.46
N ARG B 179 18.35 -14.79 22.33
CA ARG B 179 19.61 -14.39 21.72
C ARG B 179 19.35 -13.40 20.59
N ALA B 180 20.17 -12.35 20.55
CA ALA B 180 19.98 -11.22 19.65
C ALA B 180 20.95 -11.29 18.48
N ASN B 181 20.47 -10.88 17.31
CA ASN B 181 21.26 -10.75 16.09
C ASN B 181 20.87 -9.41 15.48
N THR B 182 21.61 -8.35 15.78
CA THR B 182 21.32 -7.04 15.20
C THR B 182 22.43 -6.71 14.22
N VAL B 183 22.05 -6.53 12.95
CA VAL B 183 23.01 -6.47 11.84
C VAL B 183 22.69 -5.27 10.97
N ALA B 184 23.72 -4.49 10.62
CA ALA B 184 23.55 -3.31 9.80
C ALA B 184 23.14 -3.68 8.37
N SER B 185 22.23 -2.89 7.79
CA SER B 185 21.79 -3.13 6.43
C SER B 185 21.64 -1.87 5.59
N PHE B 186 22.12 -0.72 6.06
CA PHE B 186 22.20 0.53 5.30
C PHE B 186 22.59 0.26 3.84
N SER B 187 21.77 0.77 2.92
CA SER B 187 21.89 0.71 1.45
C SER B 187 21.86 -0.69 0.85
N LEU B 188 21.64 -1.74 1.65
CA LEU B 188 21.36 -3.04 1.05
C LEU B 188 19.88 -3.24 0.74
N GLY B 189 19.03 -2.36 1.25
CA GLY B 189 17.59 -2.49 1.13
C GLY B 189 16.97 -1.26 1.74
N ASP B 190 15.70 -1.34 2.12
CA ASP B 190 14.96 -0.16 2.55
C ASP B 190 15.22 0.25 4.00
N TYR B 191 16.12 -0.43 4.72
CA TYR B 191 16.16 -0.34 6.16
C TYR B 191 17.57 -0.02 6.65
N GLU B 192 17.69 0.18 7.96
CA GLU B 192 18.99 0.47 8.58
C GLU B 192 19.59 -0.73 9.30
N TRP B 193 18.77 -1.52 9.99
CA TRP B 193 19.20 -2.75 10.64
C TRP B 193 18.17 -3.85 10.36
N ILE B 194 18.65 -5.09 10.34
CA ILE B 194 17.78 -6.26 10.45
C ILE B 194 18.06 -6.91 11.81
N LEU B 195 16.99 -7.22 12.53
CA LEU B 195 17.08 -7.88 13.83
C LEU B 195 16.47 -9.27 13.74
N ALA B 196 17.10 -10.25 14.42
CA ALA B 196 16.56 -11.60 14.55
C ALA B 196 16.78 -12.06 15.98
N PHE B 197 15.68 -12.35 16.70
CA PHE B 197 15.72 -12.90 18.06
C PHE B 197 15.36 -14.38 18.04
N GLU B 198 16.12 -15.18 18.80
CA GLU B 198 15.97 -16.63 18.83
C GLU B 198 15.79 -17.09 20.27
N ALA B 199 14.86 -18.01 20.50
CA ALA B 199 14.67 -18.58 21.82
C ALA B 199 13.99 -19.93 21.65
N ASP B 200 14.21 -20.81 22.63
CA ASP B 200 13.56 -22.10 22.58
C ASP B 200 12.11 -22.03 23.05
N GLU B 201 11.76 -20.97 23.78
CA GLU B 201 10.40 -20.70 24.23
C GLU B 201 9.90 -19.44 23.51
N LEU B 202 8.95 -19.63 22.59
CA LEU B 202 8.34 -18.50 21.89
C LEU B 202 7.86 -17.40 22.84
N HIS B 203 7.22 -17.79 23.97
CA HIS B 203 6.67 -16.76 24.85
C HIS B 203 7.74 -15.88 25.46
N ARG B 204 8.99 -16.36 25.55
CA ARG B 204 10.05 -15.48 26.08
C ARG B 204 10.36 -14.32 25.12
N ILE B 205 10.26 -14.54 23.81
CA ILE B 205 10.45 -13.45 22.85
C ILE B 205 9.37 -12.39 23.05
N VAL B 206 8.12 -12.83 23.21
CA VAL B 206 6.99 -11.92 23.47
C VAL B 206 7.27 -11.04 24.69
N ASP B 207 7.66 -11.67 25.81
CA ASP B 207 7.87 -10.91 27.04
C ASP B 207 9.07 -9.99 26.93
N LEU B 208 10.13 -10.43 26.25
CA LEU B 208 11.27 -9.54 26.02
C LEU B 208 10.83 -8.29 25.28
N MET B 209 10.14 -8.46 24.16
CA MET B 209 9.70 -7.32 23.35
C MET B 209 8.78 -6.39 24.14
N ARG B 210 7.86 -6.96 24.94
CA ARG B 210 7.01 -6.10 25.77
C ARG B 210 7.82 -5.32 26.77
N HIS B 211 8.72 -6.00 27.48
CA HIS B 211 9.55 -5.33 28.48
C HIS B 211 10.38 -4.22 27.84
N LEU B 212 10.90 -4.44 26.63
CA LEU B 212 11.73 -3.42 25.97
C LEU B 212 10.94 -2.20 25.50
N ARG B 213 9.60 -2.24 25.56
CA ARG B 213 8.81 -1.04 25.32
C ARG B 213 9.05 0.04 26.38
N GLY B 214 9.59 -0.33 27.56
CA GLY B 214 9.92 0.67 28.56
C GLY B 214 11.25 1.35 28.38
N SER B 215 11.91 1.14 27.24
CA SER B 215 13.22 1.68 26.97
C SER B 215 13.12 3.09 26.36
N GLU B 216 14.05 3.95 26.76
CA GLU B 216 14.07 5.33 26.28
C GLU B 216 14.32 5.40 24.77
N ALA B 217 14.97 4.39 24.21
CA ALA B 217 15.23 4.41 22.78
C ALA B 217 13.96 4.27 21.94
N ARG B 218 12.84 3.84 22.54
CA ARG B 218 11.56 3.75 21.83
C ARG B 218 11.09 5.11 21.32
N ARG B 219 11.61 6.21 21.89
CA ARG B 219 11.29 7.52 21.35
C ARG B 219 11.99 7.82 20.03
N HIS B 220 12.86 6.93 19.55
CA HIS B 220 13.65 7.19 18.35
C HIS B 220 13.46 6.08 17.31
N VAL B 221 12.21 5.77 16.99
CA VAL B 221 11.86 4.66 16.10
C VAL B 221 10.97 5.19 14.99
N ARG B 222 11.23 4.78 13.75
CA ARG B 222 10.39 5.10 12.61
C ARG B 222 9.72 3.89 11.97
N GLU B 223 10.38 2.74 11.91
CA GLU B 223 9.84 1.57 11.24
C GLU B 223 10.38 0.32 11.91
N GLU B 224 9.53 -0.70 12.08
CA GLU B 224 9.97 -1.98 12.64
C GLU B 224 9.12 -3.16 12.17
N ILE B 225 8.50 -3.06 10.99
CA ILE B 225 7.56 -4.00 10.38
C ILE B 225 8.08 -4.31 8.98
N PRO B 226 7.83 -5.51 8.40
CA PRO B 226 7.11 -6.69 8.91
C PRO B 226 7.87 -7.54 9.91
N PHE B 227 7.13 -8.19 10.79
CA PHE B 227 7.66 -9.24 11.67
C PHE B 227 7.42 -10.59 11.00
N TYR B 228 8.47 -11.39 10.89
CA TYR B 228 8.34 -12.77 10.43
C TYR B 228 8.82 -13.67 11.55
N THR B 229 7.88 -14.38 12.16
CA THR B 229 8.08 -15.17 13.37
C THR B 229 7.66 -16.61 13.08
N GLY B 230 8.50 -17.57 13.46
CA GLY B 230 8.20 -18.93 13.05
C GLY B 230 9.03 -19.96 13.79
N ARG B 231 8.82 -21.20 13.39
CA ARG B 231 9.38 -22.36 14.09
C ARG B 231 10.44 -23.02 13.22
N ARG B 232 11.63 -23.19 13.79
CA ARG B 232 12.70 -23.85 13.05
C ARG B 232 12.39 -25.34 12.86
N LYS B 233 12.57 -25.84 11.64
CA LYS B 233 12.28 -27.23 11.30
C LYS B 233 13.29 -27.72 10.27
N ASP B 234 13.60 -29.03 10.33
CA ASP B 234 14.34 -29.66 9.24
C ASP B 234 13.50 -29.60 7.98
N ILE B 235 14.15 -29.53 6.81
CA ILE B 235 13.42 -29.31 5.56
C ILE B 235 12.41 -30.40 5.28
N GLY B 236 12.70 -31.65 5.67
CA GLY B 236 11.73 -32.71 5.45
C GLY B 236 10.45 -32.49 6.23
N GLU B 237 10.57 -32.18 7.53
CA GLU B 237 9.39 -31.88 8.32
C GLU B 237 8.69 -30.60 7.85
N LEU B 238 9.45 -29.59 7.43
CA LEU B 238 8.85 -28.37 6.91
C LEU B 238 7.94 -28.68 5.74
N VAL B 239 8.47 -29.41 4.77
CA VAL B 239 7.73 -29.67 3.55
C VAL B 239 6.49 -30.52 3.81
N ALA B 240 6.61 -31.51 4.71
CA ALA B 240 5.48 -32.39 4.96
C ALA B 240 4.33 -31.68 5.65
N GLY B 241 4.63 -30.68 6.48
CA GLY B 241 3.59 -29.93 7.19
C GLY B 241 2.98 -28.74 6.46
N LEU B 242 3.59 -28.27 5.37
CA LEU B 242 3.00 -27.16 4.61
C LEU B 242 1.78 -27.66 3.85
N ALA B 243 0.80 -26.76 3.68
CA ALA B 243 -0.43 -27.09 2.98
C ALA B 243 -0.11 -27.70 1.62
N ASP C 22 -38.70 11.18 14.01
CA ASP C 22 -39.59 10.18 14.58
C ASP C 22 -38.84 9.09 15.36
N LEU C 23 -38.07 8.27 14.66
CA LEU C 23 -37.47 7.07 15.22
C LEU C 23 -35.94 7.13 15.08
N ASN C 24 -35.26 7.56 16.15
CA ASN C 24 -33.83 7.36 16.28
C ASN C 24 -33.48 6.00 16.89
N GLU C 25 -34.42 5.43 17.66
CA GLU C 25 -34.26 4.12 18.28
C GLU C 25 -34.47 2.96 17.32
N VAL C 26 -35.01 3.22 16.13
CA VAL C 26 -35.14 2.16 15.13
C VAL C 26 -33.77 1.84 14.55
N ILE C 27 -33.55 0.55 14.26
CA ILE C 27 -32.27 0.05 13.77
C ILE C 27 -32.34 -0.03 12.25
N ARG C 28 -31.42 0.66 11.55
CA ARG C 28 -31.29 0.49 10.11
C ARG C 28 -29.82 0.45 9.72
N TYR C 29 -29.37 -0.69 9.19
CA TYR C 29 -28.01 -0.84 8.67
C TYR C 29 -27.99 -0.44 7.21
N THR C 30 -26.89 0.24 6.82
CA THR C 30 -26.62 0.63 5.44
C THR C 30 -25.31 0.04 4.98
N LEU C 31 -25.28 -0.44 3.74
CA LEU C 31 -24.08 -1.00 3.12
C LEU C 31 -23.87 -0.37 1.75
N TRP C 32 -22.63 0.00 1.44
CA TRP C 32 -22.24 0.46 0.11
C TRP C 32 -21.22 -0.54 -0.41
N SER C 33 -21.55 -1.23 -1.51
CA SER C 33 -20.72 -2.32 -2.02
C SER C 33 -20.17 -1.91 -3.38
N VAL C 34 -18.85 -1.82 -3.49
CA VAL C 34 -18.20 -1.33 -4.70
C VAL C 34 -17.52 -2.51 -5.39
N PHE C 35 -17.71 -2.60 -6.70
CA PHE C 35 -17.14 -3.67 -7.52
C PHE C 35 -16.44 -3.11 -8.75
N LYS C 36 -15.52 -3.93 -9.28
CA LYS C 36 -14.71 -3.61 -10.45
C LYS C 36 -14.88 -4.72 -11.48
N LEU C 37 -14.98 -4.35 -12.77
CA LEU C 37 -15.01 -5.38 -13.81
C LEU C 37 -13.74 -6.22 -13.77
N LYS C 38 -13.89 -7.56 -13.82
CA LYS C 38 -12.72 -8.42 -14.02
C LYS C 38 -12.01 -8.05 -15.30
N ASP C 39 -12.78 -7.84 -16.36
CA ASP C 39 -12.21 -7.44 -17.64
C ASP C 39 -13.19 -6.53 -18.37
N THR C 40 -14.17 -7.16 -19.00
CA THR C 40 -15.14 -6.54 -19.88
C THR C 40 -16.34 -7.48 -19.91
N LEU C 41 -17.53 -6.92 -20.07
CA LEU C 41 -18.71 -7.75 -20.20
C LEU C 41 -18.72 -8.41 -21.59
N PRO C 42 -19.37 -9.56 -21.74
CA PRO C 42 -19.48 -10.15 -23.07
C PRO C 42 -20.27 -9.21 -23.97
N GLU C 43 -20.09 -9.38 -25.28
CA GLU C 43 -20.82 -8.53 -26.20
C GLU C 43 -22.30 -8.84 -26.17
N ASP C 44 -22.66 -10.11 -26.02
CA ASP C 44 -24.05 -10.52 -25.79
C ASP C 44 -24.21 -10.67 -24.28
N ARG C 45 -24.71 -9.62 -23.64
CA ARG C 45 -24.90 -9.62 -22.19
C ARG C 45 -26.38 -9.79 -21.84
N ALA C 46 -27.07 -10.57 -22.67
CA ALA C 46 -28.51 -10.84 -22.68
C ALA C 46 -29.24 -10.70 -21.35
N GLY C 47 -29.19 -11.73 -20.51
CA GLY C 47 -30.01 -11.69 -19.31
C GLY C 47 -29.29 -11.21 -18.06
N TYR C 48 -28.21 -10.44 -18.23
CA TYR C 48 -27.42 -9.98 -17.08
C TYR C 48 -28.23 -9.06 -16.19
N ALA C 49 -28.70 -7.95 -16.76
CA ALA C 49 -29.49 -6.99 -15.98
C ALA C 49 -30.79 -7.61 -15.48
N ASP C 50 -31.43 -8.48 -16.29
CA ASP C 50 -32.69 -9.10 -15.87
C ASP C 50 -32.53 -9.96 -14.63
N GLU C 51 -31.45 -10.74 -14.57
CA GLU C 51 -31.23 -11.58 -13.40
C GLU C 51 -31.06 -10.71 -12.16
N VAL C 52 -30.38 -9.58 -12.30
CA VAL C 52 -30.12 -8.72 -11.14
C VAL C 52 -31.40 -8.01 -10.71
N GLN C 53 -32.18 -7.52 -11.67
CA GLN C 53 -33.45 -6.91 -11.31
C GLN C 53 -34.36 -7.94 -10.63
N GLU C 54 -34.41 -9.17 -11.16
CA GLU C 54 -35.17 -10.22 -10.50
C GLU C 54 -34.73 -10.38 -9.05
N LEU C 55 -33.41 -10.43 -8.81
CA LEU C 55 -32.92 -10.52 -7.44
C LEU C 55 -33.35 -9.33 -6.60
N PHE C 56 -33.21 -8.11 -7.14
CA PHE C 56 -33.56 -6.92 -6.39
C PHE C 56 -35.03 -6.88 -6.00
N ASP C 57 -35.92 -7.44 -6.84
CA ASP C 57 -37.34 -7.44 -6.50
C ASP C 57 -37.63 -8.43 -5.38
N GLN C 58 -36.95 -9.57 -5.40
CA GLN C 58 -37.06 -10.53 -4.30
C GLN C 58 -36.53 -9.95 -2.99
N LEU C 59 -35.41 -9.21 -3.04
CA LEU C 59 -34.87 -8.61 -1.84
C LEU C 59 -35.84 -7.59 -1.25
N ALA C 60 -36.48 -6.81 -2.13
CA ALA C 60 -37.47 -5.83 -1.70
C ALA C 60 -38.63 -6.51 -0.99
N ALA C 61 -38.94 -7.76 -1.34
CA ALA C 61 -40.00 -8.50 -0.66
C ALA C 61 -39.66 -8.74 0.80
N LYS C 62 -38.38 -8.95 1.11
CA LYS C 62 -37.90 -9.13 2.48
C LYS C 62 -37.59 -7.81 3.16
N ASP C 63 -37.97 -6.69 2.57
CA ASP C 63 -37.62 -5.36 3.07
C ASP C 63 -36.09 -5.18 3.16
N VAL C 64 -35.38 -5.68 2.16
CA VAL C 64 -34.01 -5.26 1.86
C VAL C 64 -34.11 -4.31 0.67
N THR C 65 -33.88 -3.02 0.88
CA THR C 65 -34.12 -2.05 -0.19
C THR C 65 -32.82 -1.63 -0.87
N ILE C 66 -32.83 -1.67 -2.19
CA ILE C 66 -31.77 -1.12 -3.03
C ILE C 66 -32.09 0.35 -3.25
N ARG C 67 -31.34 1.23 -2.61
CA ARG C 67 -31.56 2.66 -2.84
C ARG C 67 -31.06 3.09 -4.22
N GLY C 68 -29.97 2.49 -4.68
CA GLY C 68 -29.48 2.80 -6.01
C GLY C 68 -28.33 1.91 -6.40
N THR C 69 -28.14 1.78 -7.70
CA THR C 69 -26.95 1.24 -8.31
C THR C 69 -26.31 2.37 -9.11
N TYR C 70 -24.99 2.49 -9.03
CA TYR C 70 -24.31 3.67 -9.55
C TYR C 70 -23.15 3.29 -10.45
N ASP C 71 -22.98 4.05 -11.53
CA ASP C 71 -21.88 3.86 -12.48
C ASP C 71 -20.70 4.68 -11.99
N LEU C 72 -19.63 3.99 -11.57
CA LEU C 72 -18.41 4.67 -11.11
C LEU C 72 -17.34 4.72 -12.19
N SER C 73 -17.57 4.05 -13.31
CA SER C 73 -16.51 3.82 -14.28
C SER C 73 -16.00 5.15 -14.78
N GLY C 74 -14.71 5.19 -15.10
CA GLY C 74 -14.09 6.41 -15.57
C GLY C 74 -13.69 7.36 -14.49
N LEU C 75 -14.59 7.63 -13.54
CA LEU C 75 -14.20 8.45 -12.41
C LEU C 75 -13.22 7.73 -11.49
N ARG C 76 -13.10 6.43 -11.65
CA ARG C 76 -12.15 5.64 -10.87
C ARG C 76 -11.62 4.54 -11.77
N ALA C 77 -10.31 4.30 -11.73
CA ALA C 77 -9.78 3.22 -12.54
C ALA C 77 -10.05 1.85 -11.92
N ASP C 78 -10.12 1.77 -10.59
CA ASP C 78 -10.29 0.50 -9.90
C ASP C 78 -11.71 0.26 -9.37
N ALA C 79 -12.74 0.82 -10.03
CA ALA C 79 -14.12 0.56 -9.65
C ALA C 79 -15.03 0.92 -10.82
N ASP C 80 -16.14 0.16 -10.95
CA ASP C 80 -17.09 0.41 -12.04
C ASP C 80 -18.54 0.54 -11.56
N LEU C 81 -18.91 -0.11 -10.45
CA LEU C 81 -20.31 -0.19 -10.04
C LEU C 81 -20.42 -0.12 -8.53
N MET C 82 -21.42 0.60 -8.04
CA MET C 82 -21.71 0.61 -6.62
C MET C 82 -23.17 0.24 -6.39
N ILE C 83 -23.43 -0.54 -5.34
CA ILE C 83 -24.79 -0.84 -4.88
C ILE C 83 -24.96 -0.26 -3.49
N TRP C 84 -26.03 0.48 -3.29
CA TRP C 84 -26.39 1.05 -2.00
C TRP C 84 -27.66 0.35 -1.55
N TRP C 85 -27.56 -0.47 -0.49
CA TRP C 85 -28.68 -1.23 0.05
C TRP C 85 -28.74 -1.07 1.55
N HIS C 86 -29.96 -1.13 2.10
CA HIS C 86 -30.13 -1.04 3.54
C HIS C 86 -31.24 -1.98 3.99
N ALA C 87 -31.23 -2.28 5.29
CA ALA C 87 -32.04 -3.33 5.89
C ALA C 87 -31.97 -3.20 7.40
N GLU C 88 -32.85 -3.95 8.05
CA GLU C 88 -33.01 -3.90 9.49
C GLU C 88 -31.88 -4.60 10.24
N THR C 89 -31.24 -5.62 9.62
CA THR C 89 -30.10 -6.31 10.21
C THR C 89 -28.92 -6.34 9.25
N ALA C 90 -27.72 -6.41 9.81
CA ALA C 90 -26.54 -6.66 9.00
C ALA C 90 -26.63 -8.02 8.30
N ASP C 91 -27.21 -9.03 8.97
CA ASP C 91 -27.28 -10.36 8.38
C ASP C 91 -27.99 -10.37 7.04
N GLN C 92 -29.07 -9.58 6.89
CA GLN C 92 -29.81 -9.59 5.63
C GLN C 92 -28.99 -8.99 4.50
N LEU C 93 -28.21 -7.94 4.81
CA LEU C 93 -27.37 -7.31 3.81
C LEU C 93 -26.25 -8.25 3.38
N GLN C 94 -25.72 -9.05 4.31
CA GLN C 94 -24.71 -10.05 3.96
C GLN C 94 -25.28 -11.08 3.01
N GLU C 95 -26.50 -11.55 3.29
CA GLU C 95 -27.13 -12.51 2.40
C GLU C 95 -27.34 -11.93 1.01
N ALA C 96 -27.82 -10.69 0.92
CA ALA C 96 -28.05 -10.06 -0.38
C ALA C 96 -26.75 -9.93 -1.19
N TYR C 97 -25.70 -9.45 -0.53
CA TYR C 97 -24.38 -9.36 -1.15
C TYR C 97 -23.96 -10.69 -1.77
N ASN C 98 -24.03 -11.77 -1.00
CA ASN C 98 -23.63 -13.07 -1.53
C ASN C 98 -24.52 -13.52 -2.67
N LEU C 99 -25.84 -13.32 -2.56
CA LEU C 99 -26.76 -13.59 -3.66
C LEU C 99 -26.39 -12.79 -4.91
N PHE C 100 -26.04 -11.52 -4.75
CA PHE C 100 -25.63 -10.74 -5.91
C PHE C 100 -24.39 -11.33 -6.56
N ARG C 101 -23.44 -11.82 -5.75
CA ARG C 101 -22.18 -12.32 -6.29
C ARG C 101 -22.36 -13.61 -7.08
N ARG C 102 -23.51 -14.29 -6.93
CA ARG C 102 -23.78 -15.50 -7.69
C ARG C 102 -24.44 -15.24 -9.04
N THR C 103 -24.98 -14.05 -9.28
CA THR C 103 -25.56 -13.71 -10.58
C THR C 103 -24.47 -13.67 -11.65
N LYS C 104 -24.89 -13.69 -12.92
CA LYS C 104 -23.89 -13.61 -14.00
C LYS C 104 -23.09 -12.32 -13.88
N LEU C 105 -23.77 -11.20 -13.63
CA LEU C 105 -23.05 -9.93 -13.50
C LEU C 105 -22.09 -9.99 -12.32
N GLY C 106 -22.51 -10.62 -11.23
CA GLY C 106 -21.64 -10.71 -10.06
C GLY C 106 -20.37 -11.49 -10.31
N ARG C 107 -20.45 -12.53 -11.14
CA ARG C 107 -19.28 -13.34 -11.49
C ARG C 107 -18.36 -12.65 -12.48
N ALA C 108 -18.80 -11.56 -13.10
CA ALA C 108 -17.95 -10.75 -13.95
C ALA C 108 -17.28 -9.61 -13.19
N LEU C 109 -17.51 -9.49 -11.89
CA LEU C 109 -16.98 -8.40 -11.08
C LEU C 109 -16.06 -8.94 -9.99
N GLU C 110 -15.19 -8.04 -9.50
CA GLU C 110 -14.34 -8.28 -8.36
C GLU C 110 -14.74 -7.32 -7.25
N PRO C 111 -14.97 -7.78 -6.02
CA PRO C 111 -15.23 -6.83 -4.93
C PRO C 111 -14.02 -5.94 -4.69
N VAL C 112 -14.29 -4.66 -4.43
CA VAL C 112 -13.28 -3.62 -4.23
C VAL C 112 -13.33 -3.04 -2.81
N TRP C 113 -14.52 -2.66 -2.36
CA TRP C 113 -14.69 -1.93 -1.10
C TRP C 113 -16.14 -2.09 -0.72
N SER C 114 -16.43 -2.62 0.46
CA SER C 114 -17.81 -2.81 0.88
C SER C 114 -17.87 -2.44 2.35
N ASN C 115 -18.63 -1.41 2.71
CA ASN C 115 -18.56 -0.92 4.07
C ASN C 115 -19.94 -0.67 4.63
N MET C 116 -20.19 -1.17 5.84
CA MET C 116 -21.47 -1.04 6.51
C MET C 116 -21.45 0.09 7.53
N ALA C 117 -22.61 0.73 7.70
CA ALA C 117 -22.80 1.71 8.75
C ALA C 117 -24.17 1.49 9.36
N LEU C 118 -24.40 2.13 10.50
CA LEU C 118 -25.63 1.95 11.29
C LEU C 118 -26.09 3.31 11.80
N HIS C 119 -27.34 3.67 11.53
CA HIS C 119 -27.82 4.94 12.05
C HIS C 119 -27.88 4.90 13.57
N ARG C 120 -27.22 5.88 14.21
CA ARG C 120 -27.18 6.09 15.65
C ARG C 120 -27.50 7.55 15.94
N PRO C 121 -28.33 7.83 16.96
CA PRO C 121 -28.75 9.21 17.24
C PRO C 121 -27.57 10.17 17.38
N ALA C 122 -27.75 11.37 16.83
CA ALA C 122 -26.69 12.36 16.82
C ALA C 122 -26.36 12.81 18.23
N GLU C 123 -25.16 13.39 18.37
CA GLU C 123 -24.67 13.81 19.70
C GLU C 123 -25.45 15.01 20.22
N PHE C 124 -25.58 16.06 19.39
CA PHE C 124 -26.29 17.27 19.79
C PHE C 124 -27.56 17.42 18.98
N ASN C 125 -27.44 17.76 17.70
CA ASN C 125 -28.58 17.96 16.81
C ASN C 125 -29.20 16.59 16.52
N ARG C 126 -29.93 16.08 17.51
CA ARG C 126 -30.55 14.77 17.35
C ARG C 126 -31.66 14.80 16.30
N SER C 127 -31.97 15.97 15.73
CA SER C 127 -32.83 16.09 14.57
C SER C 127 -32.09 15.86 13.25
N HIS C 128 -30.83 15.41 13.29
CA HIS C 128 -30.12 15.04 12.06
C HIS C 128 -30.47 13.62 11.68
N ILE C 129 -31.13 13.46 10.52
CA ILE C 129 -31.55 12.17 10.01
C ILE C 129 -30.91 11.99 8.64
N PRO C 130 -30.32 10.84 8.33
CA PRO C 130 -29.78 10.64 6.98
C PRO C 130 -30.90 10.62 5.95
N ALA C 131 -30.59 11.16 4.77
CA ALA C 131 -31.62 11.31 3.73
C ALA C 131 -32.29 9.99 3.40
N PHE C 132 -31.57 8.87 3.43
CA PHE C 132 -32.19 7.58 3.11
C PHE C 132 -33.18 7.15 4.19
N LEU C 133 -33.20 7.80 5.34
CA LEU C 133 -34.17 7.50 6.40
C LEU C 133 -35.26 8.57 6.49
N ALA C 134 -35.35 9.47 5.52
CA ALA C 134 -36.37 10.53 5.48
C ALA C 134 -37.22 10.46 4.21
N ASP C 135 -37.24 9.30 3.54
CA ASP C 135 -38.01 9.06 2.32
C ASP C 135 -37.69 10.07 1.21
N GLU C 136 -36.51 10.69 1.27
CA GLU C 136 -36.01 11.47 0.16
C GLU C 136 -35.64 10.54 -0.99
N THR C 137 -36.08 10.86 -2.19
CA THR C 137 -35.75 10.02 -3.33
C THR C 137 -34.27 10.21 -3.70
N PRO C 138 -33.62 9.16 -4.21
CA PRO C 138 -32.22 9.29 -4.62
C PRO C 138 -32.02 10.25 -5.79
N ARG C 139 -30.99 11.08 -5.66
CA ARG C 139 -30.59 12.05 -6.66
C ARG C 139 -29.72 11.37 -7.70
N ASN C 140 -29.39 12.11 -8.76
CA ASN C 140 -28.73 11.49 -9.91
C ASN C 140 -27.26 11.20 -9.69
N TYR C 141 -26.60 11.90 -8.80
CA TYR C 141 -25.18 11.71 -8.54
C TYR C 141 -24.95 11.46 -7.06
N ILE C 142 -23.94 10.65 -6.76
CA ILE C 142 -23.54 10.40 -5.39
C ILE C 142 -22.03 10.54 -5.26
N SER C 143 -21.60 10.95 -4.07
CA SER C 143 -20.20 10.89 -3.68
C SER C 143 -20.15 10.27 -2.28
N VAL C 144 -19.46 9.14 -2.16
CA VAL C 144 -19.42 8.32 -0.96
C VAL C 144 -17.97 8.27 -0.47
N TYR C 145 -17.76 8.52 0.81
CA TYR C 145 -16.42 8.33 1.35
C TYR C 145 -16.50 8.05 2.84
N PRO C 146 -15.55 7.29 3.38
CA PRO C 146 -15.50 7.06 4.83
C PRO C 146 -14.79 8.22 5.52
N PHE C 147 -14.86 8.22 6.84
CA PHE C 147 -14.34 9.36 7.58
C PHE C 147 -13.80 8.92 8.94
N VAL C 148 -12.66 9.51 9.31
CA VAL C 148 -12.02 9.26 10.61
C VAL C 148 -11.55 10.61 11.14
N ARG C 149 -11.99 10.93 12.36
CA ARG C 149 -11.60 12.18 13.01
C ARG C 149 -10.25 12.06 13.69
N SER C 150 -9.68 13.20 14.06
CA SER C 150 -8.46 13.23 14.86
C SER C 150 -8.68 12.53 16.20
N TYR C 151 -7.59 12.13 16.85
CA TYR C 151 -7.75 11.36 18.07
C TYR C 151 -8.42 12.18 19.18
N ASP C 152 -8.18 13.49 19.22
CA ASP C 152 -8.70 14.24 20.35
C ASP C 152 -10.07 14.87 20.09
N TRP C 153 -10.60 14.78 18.87
CA TRP C 153 -11.91 15.34 18.57
C TRP C 153 -12.95 14.95 19.61
N TYR C 154 -13.05 13.67 19.91
CA TYR C 154 -14.03 13.19 20.87
C TYR C 154 -13.64 13.50 22.31
N LEU C 155 -12.45 14.05 22.53
CA LEU C 155 -11.98 14.42 23.86
C LEU C 155 -12.13 15.91 24.14
N LEU C 156 -12.44 16.73 23.13
CA LEU C 156 -12.66 18.15 23.35
C LEU C 156 -13.86 18.37 24.27
N PRO C 157 -13.91 19.51 24.96
CA PRO C 157 -15.14 19.87 25.67
C PRO C 157 -16.32 19.81 24.70
N ASP C 158 -17.44 19.26 25.19
CA ASP C 158 -18.64 19.09 24.36
C ASP C 158 -19.02 20.36 23.62
N GLU C 159 -18.85 21.52 24.24
CA GLU C 159 -19.28 22.76 23.59
C GLU C 159 -18.38 23.13 22.42
N ASP C 160 -17.09 22.82 22.48
CA ASP C 160 -16.24 23.10 21.34
C ASP C 160 -16.60 22.21 20.16
N ARG C 161 -16.96 20.96 20.44
CA ARG C 161 -17.41 20.06 19.38
C ARG C 161 -18.76 20.52 18.83
N ARG C 162 -19.66 20.93 19.72
CA ARG C 162 -20.97 21.43 19.30
C ARG C 162 -20.82 22.65 18.39
N ARG C 163 -19.99 23.62 18.78
CA ARG C 163 -19.78 24.83 17.99
C ARG C 163 -19.28 24.51 16.59
N MET C 164 -18.24 23.66 16.52
CA MET C 164 -17.69 23.29 15.22
C MET C 164 -18.72 22.54 14.38
N LEU C 165 -19.43 21.58 14.97
CA LEU C 165 -20.49 20.87 14.23
C LEU C 165 -21.61 21.83 13.80
N ALA C 166 -21.93 22.82 14.65
CA ALA C 166 -23.00 23.75 14.30
C ALA C 166 -22.59 24.69 13.19
N ASP C 167 -21.35 25.18 13.23
CA ASP C 167 -20.89 26.09 12.18
C ASP C 167 -20.78 25.36 10.85
N HIS C 168 -20.31 24.13 10.88
CA HIS C 168 -20.28 23.31 9.68
C HIS C 168 -21.68 23.12 9.09
N VAL C 169 -22.69 22.94 9.95
CA VAL C 169 -24.07 22.92 9.47
C VAL C 169 -24.44 24.27 8.85
N LYS C 170 -23.95 25.36 9.44
CA LYS C 170 -24.25 26.70 8.95
C LYS C 170 -23.62 26.94 7.58
N MET C 171 -22.35 26.54 7.39
CA MET C 171 -21.73 26.74 6.08
C MET C 171 -22.39 25.92 5.01
N ALA C 172 -23.07 24.85 5.37
CA ALA C 172 -23.67 23.95 4.40
C ALA C 172 -25.07 24.35 3.97
N ARG C 173 -25.62 25.45 4.49
CA ARG C 173 -26.99 25.76 4.12
C ARG C 173 -27.08 26.51 2.80
N GLY C 174 -25.95 26.98 2.27
CA GLY C 174 -25.95 27.48 0.91
C GLY C 174 -26.14 26.41 -0.14
N TYR C 175 -26.13 25.14 0.26
CA TYR C 175 -26.24 24.01 -0.66
C TYR C 175 -27.37 23.08 -0.24
N PRO C 176 -28.60 23.60 -0.13
CA PRO C 176 -29.71 22.72 0.26
C PRO C 176 -30.04 21.68 -0.79
N ASP C 177 -29.63 21.86 -2.04
CA ASP C 177 -29.83 20.86 -3.08
C ASP C 177 -28.87 19.66 -2.95
N VAL C 178 -27.93 19.67 -2.01
CA VAL C 178 -27.03 18.53 -1.76
C VAL C 178 -27.46 17.84 -0.47
N ARG C 179 -27.88 16.59 -0.58
CA ARG C 179 -28.46 15.89 0.55
C ARG C 179 -27.38 15.04 1.22
N ALA C 180 -27.32 15.11 2.55
CA ALA C 180 -26.29 14.45 3.34
C ALA C 180 -26.80 13.14 3.92
N ASN C 181 -25.90 12.16 3.99
CA ASN C 181 -26.15 10.87 4.66
C ASN C 181 -24.90 10.58 5.49
N THR C 182 -24.93 10.96 6.76
CA THR C 182 -23.82 10.76 7.68
C THR C 182 -24.21 9.64 8.63
N VAL C 183 -23.49 8.51 8.57
CA VAL C 183 -23.90 7.32 9.32
C VAL C 183 -22.70 6.72 10.06
N ALA C 184 -22.92 6.36 11.33
CA ALA C 184 -21.84 5.84 12.17
C ALA C 184 -21.42 4.43 11.73
N SER C 185 -20.11 4.17 11.79
CA SER C 185 -19.61 2.86 11.38
C SER C 185 -18.56 2.32 12.33
N PHE C 186 -18.37 2.95 13.49
CA PHE C 186 -17.44 2.49 14.51
C PHE C 186 -17.58 0.98 14.67
N SER C 187 -16.45 0.28 14.53
CA SER C 187 -16.32 -1.16 14.75
C SER C 187 -16.99 -2.02 13.68
N LEU C 188 -17.59 -1.45 12.63
CA LEU C 188 -18.06 -2.32 11.54
C LEU C 188 -17.01 -2.45 10.43
N GLY C 189 -15.95 -1.67 10.51
CA GLY C 189 -14.94 -1.62 9.45
C GLY C 189 -13.88 -0.70 9.97
N ASP C 190 -13.07 -0.16 9.05
CA ASP C 190 -11.86 0.56 9.41
C ASP C 190 -12.12 2.01 9.83
N TYR C 191 -13.36 2.48 9.86
CA TYR C 191 -13.66 3.91 9.91
C TYR C 191 -14.60 4.23 11.06
N GLU C 192 -14.90 5.52 11.22
CA GLU C 192 -15.82 6.01 12.24
C GLU C 192 -17.15 6.47 11.68
N TRP C 193 -17.17 7.02 10.47
CA TRP C 193 -18.41 7.39 9.80
C TRP C 193 -18.28 7.02 8.33
N ILE C 194 -19.41 6.70 7.68
CA ILE C 194 -19.50 6.73 6.22
C ILE C 194 -20.38 7.92 5.84
N LEU C 195 -19.96 8.66 4.83
CA LEU C 195 -20.71 9.80 4.33
C LEU C 195 -21.13 9.54 2.89
N ALA C 196 -22.32 10.02 2.54
CA ALA C 196 -22.79 9.93 1.17
C ALA C 196 -23.58 11.20 0.87
N PHE C 197 -23.12 11.96 -0.13
CA PHE C 197 -23.80 13.17 -0.59
C PHE C 197 -24.47 12.88 -1.92
N GLU C 198 -25.70 13.36 -2.07
CA GLU C 198 -26.49 13.15 -3.28
C GLU C 198 -26.95 14.48 -3.85
N ALA C 199 -26.85 14.64 -5.16
CA ALA C 199 -27.32 15.87 -5.80
C ALA C 199 -27.64 15.55 -7.25
N ASP C 200 -28.63 16.27 -7.80
CA ASP C 200 -28.92 16.06 -9.22
C ASP C 200 -27.89 16.73 -10.12
N GLU C 201 -27.09 17.65 -9.57
CA GLU C 201 -26.01 18.30 -10.30
C GLU C 201 -24.67 17.98 -9.66
N LEU C 202 -23.79 17.32 -10.41
CA LEU C 202 -22.50 16.88 -9.85
C LEU C 202 -21.64 18.06 -9.41
N HIS C 203 -21.64 19.15 -10.17
CA HIS C 203 -20.80 20.29 -9.81
C HIS C 203 -21.18 20.91 -8.47
N ARG C 204 -22.43 20.73 -8.00
CA ARG C 204 -22.82 21.25 -6.68
C ARG C 204 -22.18 20.45 -5.54
N ILE C 205 -21.93 19.15 -5.73
CA ILE C 205 -21.18 18.37 -4.73
C ILE C 205 -19.74 18.87 -4.63
N VAL C 206 -19.10 19.11 -5.78
CA VAL C 206 -17.75 19.68 -5.81
C VAL C 206 -17.71 21.00 -5.06
N ASP C 207 -18.64 21.91 -5.35
CA ASP C 207 -18.63 23.24 -4.73
C ASP C 207 -18.87 23.17 -3.23
N LEU C 208 -19.82 22.34 -2.79
CA LEU C 208 -20.04 22.15 -1.35
C LEU C 208 -18.77 21.71 -0.63
N MET C 209 -18.13 20.67 -1.16
CA MET C 209 -16.92 20.13 -0.55
C MET C 209 -15.86 21.22 -0.44
N ARG C 210 -15.62 21.94 -1.53
CA ARG C 210 -14.67 23.05 -1.53
C ARG C 210 -15.02 24.11 -0.47
N HIS C 211 -16.30 24.47 -0.37
CA HIS C 211 -16.71 25.46 0.61
C HIS C 211 -16.46 24.98 2.04
N LEU C 212 -16.77 23.69 2.31
CA LEU C 212 -16.60 23.16 3.66
C LEU C 212 -15.14 23.05 4.08
N ARG C 213 -14.19 23.12 3.15
CA ARG C 213 -12.80 23.22 3.55
C ARG C 213 -12.55 24.43 4.47
N GLY C 214 -13.41 25.45 4.41
CA GLY C 214 -13.25 26.57 5.31
C GLY C 214 -13.77 26.36 6.71
N SER C 215 -14.19 25.15 7.05
CA SER C 215 -14.79 24.87 8.34
C SER C 215 -13.71 24.53 9.37
N GLU C 216 -13.85 25.08 10.58
CA GLU C 216 -12.85 24.83 11.62
C GLU C 216 -12.69 23.34 11.95
N ALA C 217 -13.73 22.54 11.73
CA ALA C 217 -13.62 21.11 12.01
C ALA C 217 -12.59 20.43 11.11
N ARG C 218 -12.16 21.08 10.02
CA ARG C 218 -11.13 20.54 9.15
C ARG C 218 -9.78 20.39 9.87
N ARG C 219 -9.60 21.02 11.03
CA ARG C 219 -8.41 20.74 11.81
C ARG C 219 -8.49 19.43 12.56
N HIS C 220 -9.58 18.68 12.44
CA HIS C 220 -9.79 17.45 13.22
C HIS C 220 -10.13 16.30 12.31
N VAL C 221 -9.35 16.14 11.23
CA VAL C 221 -9.55 15.09 10.25
C VAL C 221 -8.30 14.22 10.18
N ARG C 222 -8.50 12.89 10.13
CA ARG C 222 -7.40 11.94 9.93
C ARG C 222 -7.48 11.15 8.63
N GLU C 223 -8.67 10.88 8.13
CA GLU C 223 -8.78 10.04 6.95
C GLU C 223 -10.13 10.30 6.32
N GLU C 224 -10.14 10.41 4.99
CA GLU C 224 -11.42 10.67 4.31
C GLU C 224 -11.42 10.12 2.88
N ILE C 225 -10.61 9.10 2.62
CA ILE C 225 -10.57 8.43 1.32
C ILE C 225 -10.73 6.93 1.56
N PRO C 226 -11.10 6.15 0.53
CA PRO C 226 -11.32 6.50 -0.90
C PRO C 226 -12.62 7.27 -1.19
N PHE C 227 -12.69 8.09 -2.23
CA PHE C 227 -13.93 8.71 -2.68
C PHE C 227 -14.52 7.89 -3.81
N TYR C 228 -15.78 7.51 -3.70
CA TYR C 228 -16.44 6.80 -4.80
C TYR C 228 -17.61 7.65 -5.28
N THR C 229 -17.51 8.14 -6.52
CA THR C 229 -18.44 9.12 -7.07
C THR C 229 -18.99 8.60 -8.40
N GLY C 230 -20.30 8.69 -8.59
CA GLY C 230 -20.81 8.23 -9.86
C GLY C 230 -22.26 8.59 -10.09
N ARG C 231 -22.78 8.00 -11.14
CA ARG C 231 -24.06 8.35 -11.75
C ARG C 231 -25.07 7.25 -11.43
N ARG C 232 -26.17 7.62 -10.79
CA ARG C 232 -27.22 6.63 -10.53
C ARG C 232 -27.86 6.20 -11.84
N LYS C 233 -28.11 4.90 -11.97
CA LYS C 233 -28.60 4.32 -13.21
C LYS C 233 -29.44 3.08 -12.91
N ASP C 234 -30.47 2.86 -13.74
CA ASP C 234 -31.15 1.57 -13.78
C ASP C 234 -30.16 0.48 -14.17
N ILE C 235 -30.32 -0.69 -13.54
CA ILE C 235 -29.34 -1.76 -13.70
C ILE C 235 -29.27 -2.17 -15.17
N GLY C 236 -30.37 -2.00 -15.91
CA GLY C 236 -30.36 -2.34 -17.32
C GLY C 236 -29.48 -1.40 -18.12
N GLU C 237 -29.65 -0.10 -17.90
CA GLU C 237 -28.83 0.89 -18.57
C GLU C 237 -27.38 0.85 -18.07
N LEU C 238 -27.18 0.50 -16.81
CA LEU C 238 -25.83 0.39 -16.26
C LEU C 238 -25.07 -0.78 -16.87
N VAL C 239 -25.70 -1.95 -16.98
CA VAL C 239 -25.06 -3.10 -17.61
C VAL C 239 -24.75 -2.79 -19.08
N ALA C 240 -25.63 -2.03 -19.73
CA ALA C 240 -25.46 -1.70 -21.14
C ALA C 240 -24.21 -0.84 -21.36
N GLY C 241 -24.00 0.17 -20.51
CA GLY C 241 -22.93 1.13 -20.68
C GLY C 241 -21.56 0.71 -20.16
N LEU C 242 -21.45 -0.38 -19.40
CA LEU C 242 -20.14 -0.86 -18.96
C LEU C 242 -19.40 -1.50 -20.11
N ALA C 243 -18.06 -1.43 -20.05
CA ALA C 243 -17.18 -1.95 -21.10
C ALA C 243 -17.59 -3.35 -21.59
N ASP D 22 -19.62 33.30 -18.60
CA ASP D 22 -18.49 34.05 -19.12
C ASP D 22 -17.58 33.09 -19.90
N LEU D 23 -17.11 32.09 -19.15
CA LEU D 23 -16.16 31.02 -19.47
C LEU D 23 -15.71 30.44 -18.14
N ASN D 24 -15.96 31.20 -17.08
CA ASN D 24 -15.96 30.71 -15.71
C ASN D 24 -17.33 30.21 -15.28
N GLU D 25 -18.37 30.45 -16.08
CA GLU D 25 -19.70 29.94 -15.84
C GLU D 25 -20.07 28.83 -16.83
N VAL D 26 -19.11 28.36 -17.60
CA VAL D 26 -19.28 27.14 -18.38
C VAL D 26 -18.89 25.97 -17.49
N ILE D 27 -19.61 24.86 -17.62
CA ILE D 27 -19.29 23.62 -16.93
C ILE D 27 -18.57 22.72 -17.93
N ARG D 28 -17.29 22.40 -17.64
CA ARG D 28 -16.54 21.50 -18.50
C ARG D 28 -15.71 20.57 -17.63
N TYR D 29 -16.02 19.27 -17.72
CA TYR D 29 -15.30 18.25 -16.97
C TYR D 29 -14.12 17.78 -17.79
N THR D 30 -13.01 17.48 -17.12
CA THR D 30 -11.82 16.97 -17.79
C THR D 30 -11.37 15.71 -17.08
N LEU D 31 -10.91 14.74 -17.87
CA LEU D 31 -10.56 13.43 -17.38
C LEU D 31 -9.18 13.07 -17.92
N TRP D 32 -8.33 12.54 -17.04
CA TRP D 32 -7.06 11.94 -17.41
C TRP D 32 -7.12 10.45 -17.10
N SER D 33 -7.00 9.60 -18.12
CA SER D 33 -7.14 8.16 -17.94
C SER D 33 -5.82 7.50 -18.29
N VAL D 34 -5.23 6.80 -17.33
CA VAL D 34 -3.91 6.21 -17.44
C VAL D 34 -4.06 4.70 -17.49
N PHE D 35 -3.40 4.06 -18.46
CA PHE D 35 -3.46 2.61 -18.67
C PHE D 35 -2.05 2.05 -18.78
N LYS D 36 -1.95 0.76 -18.51
CA LYS D 36 -0.73 -0.02 -18.61
C LYS D 36 -0.99 -1.22 -19.51
N LEU D 37 0.00 -1.58 -20.33
CA LEU D 37 -0.11 -2.83 -21.09
C LEU D 37 -0.28 -4.03 -20.16
N LYS D 38 -1.23 -4.91 -20.49
CA LYS D 38 -1.28 -6.21 -19.83
C LYS D 38 0.03 -6.95 -20.05
N ASP D 39 0.52 -6.93 -21.30
CA ASP D 39 1.75 -7.61 -21.66
C ASP D 39 2.50 -6.77 -22.68
N THR D 40 2.42 -7.18 -23.94
CA THR D 40 2.82 -6.36 -25.07
C THR D 40 1.71 -6.42 -26.11
N LEU D 41 1.74 -5.48 -27.05
CA LEU D 41 0.82 -5.54 -28.17
C LEU D 41 1.27 -6.64 -29.13
N PRO D 42 0.36 -7.14 -29.97
CA PRO D 42 0.76 -8.15 -30.95
C PRO D 42 1.82 -7.59 -31.90
N GLU D 43 2.63 -8.50 -32.42
CA GLU D 43 3.51 -8.18 -33.54
C GLU D 43 2.71 -7.56 -34.69
N ASP D 44 1.51 -8.08 -34.95
CA ASP D 44 0.63 -7.57 -36.00
C ASP D 44 -0.45 -6.73 -35.32
N ARG D 45 -0.33 -5.40 -35.41
CA ARG D 45 -1.27 -4.49 -34.73
C ARG D 45 -1.96 -3.58 -35.72
N ALA D 46 -2.19 -4.07 -36.95
CA ALA D 46 -2.78 -3.34 -38.06
C ALA D 46 -3.93 -2.41 -37.71
N GLY D 47 -5.10 -2.97 -37.41
CA GLY D 47 -6.21 -2.05 -37.22
C GLY D 47 -6.28 -1.35 -35.87
N TYR D 48 -5.28 -1.55 -35.00
CA TYR D 48 -5.38 -1.12 -33.61
C TYR D 48 -5.53 0.39 -33.49
N ALA D 49 -4.57 1.15 -34.06
CA ALA D 49 -4.65 2.61 -33.95
C ALA D 49 -5.76 3.17 -34.82
N ASP D 50 -6.12 2.48 -35.91
CA ASP D 50 -7.19 2.99 -36.75
C ASP D 50 -8.54 2.90 -36.03
N GLU D 51 -8.82 1.79 -35.33
CA GLU D 51 -10.08 1.66 -34.60
C GLU D 51 -10.22 2.76 -33.56
N VAL D 52 -9.12 3.09 -32.85
CA VAL D 52 -9.22 4.09 -31.79
C VAL D 52 -9.39 5.49 -32.39
N GLN D 53 -8.77 5.74 -33.54
CA GLN D 53 -8.95 7.03 -34.18
C GLN D 53 -10.39 7.21 -34.66
N GLU D 54 -10.99 6.14 -35.20
CA GLU D 54 -12.38 6.21 -35.59
C GLU D 54 -13.27 6.51 -34.39
N LEU D 55 -12.98 5.87 -33.25
CA LEU D 55 -13.73 6.19 -32.04
C LEU D 55 -13.57 7.66 -31.67
N PHE D 56 -12.34 8.17 -31.77
CA PHE D 56 -12.06 9.55 -31.34
C PHE D 56 -12.87 10.58 -32.14
N ASP D 57 -12.86 10.49 -33.47
CA ASP D 57 -13.60 11.54 -34.16
C ASP D 57 -15.11 11.29 -34.13
N GLN D 58 -15.54 10.02 -34.07
CA GLN D 58 -16.90 9.69 -33.67
C GLN D 58 -17.24 10.31 -32.31
N LEU D 59 -16.30 10.26 -31.35
CA LEU D 59 -16.52 10.95 -30.08
C LEU D 59 -16.50 12.45 -30.28
N ALA D 60 -15.62 12.95 -31.14
CA ALA D 60 -15.50 14.38 -31.37
C ALA D 60 -16.70 14.97 -32.09
N ALA D 61 -17.73 14.19 -32.42
CA ALA D 61 -18.87 14.66 -33.22
C ALA D 61 -19.51 15.92 -32.64
N LYS D 62 -18.67 16.92 -32.34
CA LYS D 62 -19.03 18.17 -31.67
C LYS D 62 -19.53 17.93 -30.23
N ASP D 63 -18.80 17.07 -29.47
CA ASP D 63 -19.11 16.88 -28.06
C ASP D 63 -17.90 16.55 -27.19
N VAL D 64 -17.27 15.38 -27.37
CA VAL D 64 -16.20 14.91 -26.49
C VAL D 64 -14.84 15.19 -27.15
N THR D 65 -14.06 16.08 -26.54
CA THR D 65 -12.79 16.52 -27.10
C THR D 65 -11.64 15.65 -26.58
N ILE D 66 -10.75 15.26 -27.46
CA ILE D 66 -9.55 14.54 -27.06
C ILE D 66 -8.40 15.50 -27.21
N ARG D 67 -7.91 15.97 -26.07
CA ARG D 67 -6.82 16.94 -26.08
C ARG D 67 -5.48 16.29 -26.41
N GLY D 68 -5.29 15.03 -26.04
CA GLY D 68 -4.08 14.33 -26.44
C GLY D 68 -4.03 12.92 -25.90
N THR D 69 -3.19 12.12 -26.52
CA THR D 69 -2.82 10.81 -26.04
C THR D 69 -1.32 10.86 -25.81
N TYR D 70 -0.86 10.34 -24.67
CA TYR D 70 0.51 10.56 -24.24
C TYR D 70 1.19 9.23 -23.94
N ASP D 71 2.45 9.12 -24.35
CA ASP D 71 3.23 7.90 -24.13
C ASP D 71 3.96 8.10 -22.80
N LEU D 72 3.60 7.29 -21.81
CA LEU D 72 4.22 7.37 -20.49
C LEU D 72 5.25 6.28 -20.26
N SER D 73 5.40 5.34 -21.20
CA SER D 73 6.19 4.15 -20.95
C SER D 73 7.66 4.50 -20.73
N GLY D 74 8.31 3.68 -19.91
CA GLY D 74 9.68 3.95 -19.46
C GLY D 74 9.77 4.92 -18.29
N LEU D 75 9.09 6.05 -18.37
CA LEU D 75 9.10 7.02 -17.27
C LEU D 75 8.36 6.51 -16.04
N ARG D 76 7.50 5.50 -16.18
CA ARG D 76 7.15 4.71 -15.01
C ARG D 76 6.77 3.28 -15.37
N ALA D 77 7.02 2.39 -14.42
CA ALA D 77 6.89 0.97 -14.70
C ALA D 77 5.43 0.55 -14.78
N ASP D 78 4.52 1.28 -14.12
CA ASP D 78 3.13 0.86 -14.00
C ASP D 78 2.19 1.66 -14.90
N ALA D 79 2.69 2.18 -16.01
CA ALA D 79 1.84 2.98 -16.88
C ALA D 79 2.46 3.06 -18.26
N ASP D 80 1.61 3.10 -19.29
CA ASP D 80 2.12 3.17 -20.66
C ASP D 80 1.45 4.25 -21.51
N LEU D 81 0.15 4.52 -21.29
CA LEU D 81 -0.47 5.55 -22.12
C LEU D 81 -1.49 6.31 -21.30
N MET D 82 -1.68 7.58 -21.65
CA MET D 82 -2.67 8.39 -20.99
C MET D 82 -3.51 9.11 -22.04
N ILE D 83 -4.82 9.17 -21.77
CA ILE D 83 -5.78 9.89 -22.61
C ILE D 83 -6.26 11.08 -21.80
N TRP D 84 -6.23 12.26 -22.40
CA TRP D 84 -6.76 13.46 -21.78
C TRP D 84 -7.98 13.89 -22.61
N TRP D 85 -9.18 13.77 -22.02
CA TRP D 85 -10.43 14.13 -22.69
C TRP D 85 -11.27 15.04 -21.80
N HIS D 86 -12.08 15.88 -22.43
CA HIS D 86 -12.99 16.75 -21.69
C HIS D 86 -14.30 16.90 -22.46
N ALA D 87 -15.33 17.32 -21.74
CA ALA D 87 -16.69 17.29 -22.28
C ALA D 87 -17.56 18.11 -21.35
N GLU D 88 -18.83 18.30 -21.77
CA GLU D 88 -19.73 19.14 -20.99
C GLU D 88 -20.23 18.43 -19.74
N THR D 89 -20.38 17.11 -19.78
CA THR D 89 -20.89 16.37 -18.65
C THR D 89 -19.95 15.21 -18.31
N ALA D 90 -19.94 14.83 -17.03
CA ALA D 90 -19.18 13.66 -16.65
C ALA D 90 -19.71 12.41 -17.34
N ASP D 91 -21.02 12.36 -17.60
CA ASP D 91 -21.62 11.17 -18.19
C ASP D 91 -21.02 10.86 -19.55
N GLN D 92 -20.74 11.89 -20.35
CA GLN D 92 -20.16 11.64 -21.67
C GLN D 92 -18.75 11.05 -21.58
N LEU D 93 -17.97 11.53 -20.61
CA LEU D 93 -16.62 11.00 -20.41
C LEU D 93 -16.65 9.55 -19.95
N GLN D 94 -17.62 9.17 -19.11
CA GLN D 94 -17.75 7.78 -18.71
C GLN D 94 -18.03 6.89 -19.92
N GLU D 95 -18.99 7.31 -20.75
CA GLU D 95 -19.29 6.56 -21.97
C GLU D 95 -18.05 6.43 -22.84
N ALA D 96 -17.32 7.54 -23.05
CA ALA D 96 -16.11 7.49 -23.86
C ALA D 96 -15.11 6.52 -23.29
N TYR D 97 -14.96 6.55 -21.96
CA TYR D 97 -14.03 5.65 -21.27
C TYR D 97 -14.36 4.20 -21.57
N ASN D 98 -15.63 3.82 -21.39
CA ASN D 98 -16.04 2.44 -21.61
C ASN D 98 -15.96 2.06 -23.08
N LEU D 99 -16.31 2.96 -23.99
CA LEU D 99 -16.14 2.69 -25.41
C LEU D 99 -14.68 2.40 -25.76
N PHE D 100 -13.76 3.21 -25.24
CA PHE D 100 -12.34 2.95 -25.48
C PHE D 100 -11.92 1.59 -24.96
N ARG D 101 -12.40 1.19 -23.78
CA ARG D 101 -12.02 -0.11 -23.25
C ARG D 101 -12.52 -1.26 -24.11
N ARG D 102 -13.49 -1.02 -25.00
CA ARG D 102 -13.97 -2.09 -25.86
C ARG D 102 -13.14 -2.24 -27.13
N THR D 103 -12.30 -1.26 -27.46
CA THR D 103 -11.47 -1.37 -28.65
C THR D 103 -10.41 -2.46 -28.45
N LYS D 104 -9.79 -2.89 -29.56
CA LYS D 104 -8.72 -3.86 -29.44
C LYS D 104 -7.59 -3.32 -28.56
N LEU D 105 -7.25 -2.04 -28.72
CA LEU D 105 -6.19 -1.46 -27.91
C LEU D 105 -6.58 -1.45 -26.45
N GLY D 106 -7.80 -0.96 -26.15
CA GLY D 106 -8.29 -0.93 -24.78
C GLY D 106 -8.28 -2.30 -24.12
N ARG D 107 -8.57 -3.34 -24.90
CA ARG D 107 -8.58 -4.69 -24.35
C ARG D 107 -7.18 -5.26 -24.13
N ALA D 108 -6.15 -4.61 -24.64
CA ALA D 108 -4.78 -4.98 -24.33
C ALA D 108 -4.21 -4.21 -23.15
N LEU D 109 -5.01 -3.33 -22.55
CA LEU D 109 -4.56 -2.41 -21.50
C LEU D 109 -5.29 -2.69 -20.19
N GLU D 110 -4.66 -2.30 -19.10
CA GLU D 110 -5.25 -2.34 -17.76
C GLU D 110 -5.42 -0.91 -17.26
N PRO D 111 -6.60 -0.53 -16.75
CA PRO D 111 -6.70 0.82 -16.16
C PRO D 111 -5.84 0.90 -14.92
N VAL D 112 -5.21 2.06 -14.73
CA VAL D 112 -4.27 2.32 -13.65
C VAL D 112 -4.72 3.48 -12.78
N TRP D 113 -5.12 4.57 -13.40
CA TRP D 113 -5.44 5.77 -12.64
C TRP D 113 -6.29 6.63 -13.57
N SER D 114 -7.47 7.04 -13.11
CA SER D 114 -8.42 7.75 -13.95
C SER D 114 -9.10 8.77 -13.06
N ASN D 115 -8.76 10.05 -13.20
CA ASN D 115 -9.30 11.07 -12.32
C ASN D 115 -9.89 12.22 -13.10
N MET D 116 -11.06 12.65 -12.67
CA MET D 116 -11.82 13.71 -13.30
C MET D 116 -11.78 14.97 -12.44
N ALA D 117 -11.84 16.11 -13.11
CA ALA D 117 -11.86 17.39 -12.46
C ALA D 117 -12.81 18.31 -13.24
N LEU D 118 -12.98 19.52 -12.73
CA LEU D 118 -13.98 20.43 -13.28
C LEU D 118 -13.52 21.85 -13.00
N HIS D 119 -13.44 22.68 -14.04
CA HIS D 119 -13.08 24.08 -13.80
C HIS D 119 -14.13 24.73 -12.91
N ARG D 120 -13.67 25.24 -11.76
CA ARG D 120 -14.51 26.12 -10.94
C ARG D 120 -13.84 27.48 -10.86
N PRO D 121 -14.62 28.57 -10.85
CA PRO D 121 -14.02 29.91 -10.79
C PRO D 121 -13.00 30.03 -9.65
N ALA D 122 -11.91 30.72 -9.94
CA ALA D 122 -10.82 30.85 -8.99
C ALA D 122 -11.27 31.63 -7.76
N GLU D 123 -10.53 31.46 -6.66
CA GLU D 123 -10.74 32.25 -5.47
C GLU D 123 -10.30 33.69 -5.68
N PHE D 124 -9.12 33.88 -6.27
CA PHE D 124 -8.54 35.22 -6.41
C PHE D 124 -8.42 35.65 -7.87
N ASN D 125 -7.47 35.10 -8.65
CA ASN D 125 -7.27 35.56 -10.03
C ASN D 125 -8.22 34.82 -10.96
N ARG D 126 -9.36 35.44 -11.27
CA ARG D 126 -10.44 34.76 -11.99
C ARG D 126 -10.20 34.64 -13.49
N SER D 127 -9.08 35.14 -14.02
CA SER D 127 -8.79 34.95 -15.44
C SER D 127 -7.73 33.87 -15.69
N HIS D 128 -7.25 33.19 -14.66
CA HIS D 128 -6.53 31.93 -14.86
C HIS D 128 -7.55 30.89 -15.29
N ILE D 129 -7.56 30.57 -16.58
CA ILE D 129 -8.38 29.48 -17.13
C ILE D 129 -7.41 28.37 -17.52
N PRO D 130 -7.71 27.11 -17.24
CA PRO D 130 -6.86 26.03 -17.75
C PRO D 130 -6.76 26.11 -19.27
N ALA D 131 -5.60 25.72 -19.79
CA ALA D 131 -5.32 25.84 -21.22
C ALA D 131 -6.34 25.08 -22.06
N PHE D 132 -6.87 23.98 -21.55
CA PHE D 132 -7.79 23.16 -22.34
C PHE D 132 -9.14 23.82 -22.50
N LEU D 133 -9.63 24.48 -21.45
CA LEU D 133 -10.90 25.19 -21.54
C LEU D 133 -10.77 26.46 -22.38
N ALA D 134 -9.54 26.97 -22.53
CA ALA D 134 -9.23 28.13 -23.36
C ALA D 134 -9.04 27.78 -24.83
N ASP D 135 -8.98 26.49 -25.17
CA ASP D 135 -8.74 26.01 -26.55
C ASP D 135 -7.35 26.42 -27.02
N GLU D 136 -6.36 26.20 -26.16
CA GLU D 136 -4.97 26.39 -26.58
C GLU D 136 -4.35 25.09 -27.06
N THR D 137 -3.37 25.24 -27.95
CA THR D 137 -2.74 24.09 -28.59
C THR D 137 -1.96 23.28 -27.56
N PRO D 138 -2.15 21.95 -27.50
CA PRO D 138 -1.35 21.13 -26.57
C PRO D 138 0.10 21.12 -27.00
N ARG D 139 1.00 21.00 -26.02
CA ARG D 139 2.43 21.04 -26.30
C ARG D 139 3.01 19.60 -26.35
N ASN D 140 4.33 19.52 -26.53
CA ASN D 140 4.96 18.23 -26.78
C ASN D 140 4.94 17.32 -25.55
N TYR D 141 5.11 17.89 -24.36
CA TYR D 141 5.24 17.10 -23.14
C TYR D 141 4.22 17.52 -22.11
N ILE D 142 3.82 16.57 -21.27
CA ILE D 142 2.85 16.84 -20.21
C ILE D 142 3.35 16.20 -18.91
N SER D 143 2.97 16.82 -17.80
CA SER D 143 3.26 16.28 -16.47
C SER D 143 2.00 16.52 -15.64
N VAL D 144 1.30 15.46 -15.26
CA VAL D 144 0.05 15.58 -14.51
C VAL D 144 0.20 14.90 -13.16
N TYR D 145 -0.32 15.55 -12.13
CA TYR D 145 -0.31 14.97 -10.80
C TYR D 145 -1.45 15.54 -9.97
N PRO D 146 -2.01 14.76 -9.06
CA PRO D 146 -3.05 15.26 -8.16
C PRO D 146 -2.40 16.10 -7.07
N PHE D 147 -3.23 16.82 -6.34
CA PHE D 147 -2.71 17.73 -5.33
C PHE D 147 -3.68 17.79 -4.16
N VAL D 148 -3.14 17.75 -2.95
CA VAL D 148 -3.92 17.91 -1.73
C VAL D 148 -3.17 18.90 -0.85
N ARG D 149 -3.86 19.95 -0.41
CA ARG D 149 -3.23 20.97 0.42
C ARG D 149 -3.31 20.56 1.88
N SER D 150 -2.56 21.26 2.72
CA SER D 150 -2.62 21.06 4.16
C SER D 150 -4.02 21.37 4.71
N TYR D 151 -4.30 20.82 5.89
CA TYR D 151 -5.62 20.90 6.48
C TYR D 151 -6.05 22.33 6.76
N ASP D 152 -5.10 23.24 6.98
CA ASP D 152 -5.46 24.60 7.39
C ASP D 152 -5.20 25.64 6.30
N TRP D 153 -4.78 25.22 5.10
CA TRP D 153 -4.66 26.13 3.98
C TRP D 153 -5.95 26.91 3.76
N TYR D 154 -7.08 26.20 3.71
CA TYR D 154 -8.35 26.83 3.41
C TYR D 154 -8.94 27.55 4.62
N LEU D 155 -8.28 27.45 5.77
CA LEU D 155 -8.65 28.17 6.98
C LEU D 155 -7.86 29.47 7.16
N LEU D 156 -6.74 29.62 6.47
CA LEU D 156 -5.90 30.80 6.56
C LEU D 156 -6.68 32.07 6.28
N PRO D 157 -6.22 33.21 6.80
CA PRO D 157 -6.74 34.49 6.33
C PRO D 157 -6.63 34.57 4.81
N ASP D 158 -7.66 35.15 4.18
CA ASP D 158 -7.70 35.22 2.73
C ASP D 158 -6.45 35.85 2.14
N GLU D 159 -5.94 36.90 2.79
CA GLU D 159 -4.78 37.61 2.25
C GLU D 159 -3.52 36.78 2.37
N ASP D 160 -3.40 35.96 3.42
CA ASP D 160 -2.28 35.04 3.55
C ASP D 160 -2.22 34.07 2.37
N ARG D 161 -3.32 33.36 2.15
CA ARG D 161 -3.46 32.50 0.96
C ARG D 161 -3.24 33.28 -0.34
N ARG D 162 -3.85 34.46 -0.47
CA ARG D 162 -3.67 35.26 -1.68
C ARG D 162 -2.20 35.63 -1.89
N ARG D 163 -1.51 36.05 -0.83
CA ARG D 163 -0.11 36.41 -0.97
C ARG D 163 0.73 35.21 -1.39
N MET D 164 0.54 34.06 -0.73
CA MET D 164 1.32 32.88 -1.09
C MET D 164 1.06 32.49 -2.53
N LEU D 165 -0.22 32.50 -2.95
CA LEU D 165 -0.52 32.21 -4.35
C LEU D 165 0.05 33.27 -5.27
N ALA D 166 0.11 34.53 -4.80
CA ALA D 166 0.71 35.60 -5.59
C ALA D 166 2.22 35.42 -5.70
N ASP D 167 2.89 35.19 -4.56
CA ASP D 167 4.30 34.87 -4.56
C ASP D 167 4.60 33.69 -5.48
N HIS D 168 3.65 32.75 -5.55
CA HIS D 168 3.81 31.55 -6.37
C HIS D 168 3.72 31.87 -7.86
N VAL D 169 2.73 32.69 -8.26
CA VAL D 169 2.63 33.14 -9.64
C VAL D 169 3.88 33.94 -10.02
N LYS D 170 4.38 34.78 -9.13
CA LYS D 170 5.59 35.52 -9.43
C LYS D 170 6.76 34.59 -9.69
N MET D 171 6.91 33.53 -8.88
CA MET D 171 8.04 32.63 -9.04
C MET D 171 8.01 31.85 -10.34
N ALA D 172 6.90 31.89 -11.07
CA ALA D 172 6.79 31.25 -12.37
C ALA D 172 6.97 32.23 -13.52
N ARG D 173 7.25 33.51 -13.24
CA ARG D 173 7.24 34.53 -14.30
C ARG D 173 8.20 34.18 -15.43
N GLY D 174 9.31 33.52 -15.11
CA GLY D 174 10.30 33.18 -16.09
C GLY D 174 10.00 31.96 -16.93
N TYR D 175 8.84 31.34 -16.74
CA TYR D 175 8.50 30.18 -17.54
C TYR D 175 7.19 30.39 -18.30
N PRO D 176 7.04 31.47 -19.08
CA PRO D 176 5.80 31.62 -19.86
C PRO D 176 5.58 30.49 -20.87
N ASP D 177 6.64 29.75 -21.22
CA ASP D 177 6.49 28.64 -22.16
C ASP D 177 5.84 27.41 -21.53
N VAL D 178 5.77 27.33 -20.20
CA VAL D 178 5.13 26.21 -19.52
C VAL D 178 3.69 26.61 -19.18
N ARG D 179 2.73 25.95 -19.81
CA ARG D 179 1.30 26.19 -19.57
C ARG D 179 0.81 25.35 -18.41
N ALA D 180 0.10 25.98 -17.49
CA ALA D 180 -0.42 25.33 -16.30
C ALA D 180 -1.92 25.15 -16.41
N ASN D 181 -2.37 23.90 -16.29
CA ASN D 181 -3.76 23.56 -16.03
C ASN D 181 -3.88 23.25 -14.52
N THR D 182 -4.74 23.98 -13.83
CA THR D 182 -5.02 23.69 -12.42
C THR D 182 -6.53 23.64 -12.29
N VAL D 183 -7.04 22.49 -11.85
CA VAL D 183 -8.48 22.25 -11.97
C VAL D 183 -8.99 21.53 -10.72
N ALA D 184 -10.14 21.99 -10.23
CA ALA D 184 -10.69 21.53 -8.97
C ALA D 184 -11.26 20.14 -9.12
N SER D 185 -11.01 19.30 -8.11
CA SER D 185 -11.50 17.93 -8.18
C SER D 185 -12.10 17.46 -6.86
N PHE D 186 -12.31 18.35 -5.88
CA PHE D 186 -13.00 18.00 -4.64
C PHE D 186 -14.21 17.12 -4.92
N SER D 187 -14.26 15.99 -4.22
CA SER D 187 -15.33 15.01 -4.18
C SER D 187 -15.49 14.19 -5.47
N LEU D 188 -14.66 14.42 -6.50
CA LEU D 188 -14.69 13.57 -7.69
C LEU D 188 -13.74 12.38 -7.58
N GLY D 189 -12.82 12.42 -6.62
CA GLY D 189 -11.90 11.35 -6.35
C GLY D 189 -11.20 11.67 -5.05
N ASP D 190 -9.98 11.20 -4.88
CA ASP D 190 -9.31 11.29 -3.58
C ASP D 190 -8.61 12.61 -3.34
N TYR D 191 -8.74 13.58 -4.24
CA TYR D 191 -7.83 14.71 -4.25
C TYR D 191 -8.59 16.02 -4.22
N GLU D 192 -7.86 17.12 -4.18
CA GLU D 192 -8.45 18.45 -4.18
C GLU D 192 -8.31 19.17 -5.51
N TRP D 193 -7.18 18.97 -6.19
CA TRP D 193 -6.90 19.55 -7.49
C TRP D 193 -6.18 18.52 -8.34
N ILE D 194 -6.34 18.62 -9.65
CA ILE D 194 -5.49 17.93 -10.60
C ILE D 194 -4.72 19.00 -11.37
N LEU D 195 -3.40 18.81 -11.47
CA LEU D 195 -2.54 19.76 -12.15
C LEU D 195 -1.99 19.12 -13.41
N ALA D 196 -1.88 19.91 -14.48
CA ALA D 196 -1.29 19.44 -15.72
C ALA D 196 -0.47 20.57 -16.32
N PHE D 197 0.83 20.36 -16.41
CA PHE D 197 1.77 21.29 -17.04
C PHE D 197 2.17 20.77 -18.41
N GLU D 198 2.16 21.66 -19.40
CA GLU D 198 2.54 21.33 -20.76
C GLU D 198 3.71 22.21 -21.20
N ALA D 199 4.59 21.64 -22.03
CA ALA D 199 5.68 22.43 -22.60
C ALA D 199 6.23 21.68 -23.79
N ASP D 200 6.83 22.42 -24.73
CA ASP D 200 7.48 21.77 -25.86
C ASP D 200 8.82 21.16 -25.47
N GLU D 201 9.47 21.65 -24.44
CA GLU D 201 10.74 21.10 -23.98
C GLU D 201 10.55 20.56 -22.57
N LEU D 202 10.80 19.27 -22.40
CA LEU D 202 10.53 18.61 -21.12
C LEU D 202 11.37 19.21 -20.00
N HIS D 203 12.62 19.60 -20.30
CA HIS D 203 13.49 20.11 -19.26
C HIS D 203 12.96 21.42 -18.64
N ARG D 204 12.13 22.17 -19.37
CA ARG D 204 11.52 23.36 -18.80
C ARG D 204 10.51 23.02 -17.71
N ILE D 205 9.77 21.92 -17.86
CA ILE D 205 8.86 21.52 -16.79
C ILE D 205 9.64 21.18 -15.52
N VAL D 206 10.73 20.41 -15.65
CA VAL D 206 11.48 20.05 -14.45
C VAL D 206 12.11 21.30 -13.81
N ASP D 207 12.59 22.25 -14.62
CA ASP D 207 13.21 23.45 -14.04
C ASP D 207 12.18 24.30 -13.31
N LEU D 208 10.98 24.44 -13.89
CA LEU D 208 9.91 25.18 -13.23
C LEU D 208 9.57 24.54 -11.89
N MET D 209 9.43 23.22 -11.88
CA MET D 209 9.08 22.50 -10.65
C MET D 209 10.13 22.73 -9.56
N ARG D 210 11.41 22.56 -9.91
CA ARG D 210 12.48 22.80 -8.95
C ARG D 210 12.45 24.24 -8.44
N HIS D 211 12.25 25.20 -9.34
CA HIS D 211 12.21 26.60 -8.91
C HIS D 211 11.05 26.85 -7.97
N LEU D 212 9.86 26.32 -8.29
CA LEU D 212 8.70 26.51 -7.45
C LEU D 212 8.83 25.87 -6.06
N ARG D 213 9.85 25.03 -5.83
CA ARG D 213 10.10 24.54 -4.47
C ARG D 213 10.49 25.68 -3.53
N GLY D 214 10.95 26.80 -4.07
CA GLY D 214 11.22 27.98 -3.28
C GLY D 214 10.02 28.86 -3.00
N SER D 215 8.81 28.36 -3.26
CA SER D 215 7.59 29.13 -3.00
C SER D 215 7.09 28.85 -1.59
N GLU D 216 6.56 29.90 -0.95
CA GLU D 216 6.13 29.75 0.44
C GLU D 216 4.92 28.85 0.56
N ALA D 217 4.18 28.63 -0.51
CA ALA D 217 3.05 27.71 -0.41
C ALA D 217 3.48 26.25 -0.24
N ARG D 218 4.77 25.94 -0.42
CA ARG D 218 5.24 24.56 -0.23
C ARG D 218 5.10 24.07 1.22
N ARG D 219 4.95 24.98 2.17
CA ARG D 219 4.66 24.61 3.55
C ARG D 219 3.20 24.17 3.77
N HIS D 220 2.37 24.15 2.74
CA HIS D 220 0.95 23.81 2.87
C HIS D 220 0.58 22.74 1.87
N VAL D 221 1.35 21.66 1.87
CA VAL D 221 1.17 20.56 0.93
C VAL D 221 1.05 19.27 1.72
N ARG D 222 0.07 18.45 1.38
CA ARG D 222 -0.05 17.12 1.97
C ARG D 222 0.21 16.00 0.98
N GLU D 223 -0.15 16.18 -0.28
CA GLU D 223 0.03 15.10 -1.24
C GLU D 223 0.11 15.65 -2.64
N GLU D 224 0.95 15.02 -3.47
CA GLU D 224 1.18 15.50 -4.83
C GLU D 224 1.71 14.42 -5.76
N ILE D 225 1.40 13.15 -5.45
CA ILE D 225 1.75 12.03 -6.33
C ILE D 225 0.50 11.18 -6.53
N PRO D 226 0.47 10.33 -7.56
CA PRO D 226 1.53 10.01 -8.53
C PRO D 226 1.74 11.08 -9.60
N PHE D 227 2.94 11.12 -10.19
CA PHE D 227 3.25 11.95 -11.35
C PHE D 227 3.18 11.09 -12.60
N TYR D 228 2.44 11.56 -13.60
CA TYR D 228 2.38 10.88 -14.89
C TYR D 228 2.90 11.86 -15.95
N THR D 229 4.05 11.53 -16.53
CA THR D 229 4.77 12.43 -17.41
C THR D 229 5.09 11.71 -18.72
N GLY D 230 4.88 12.39 -19.85
CA GLY D 230 5.10 11.68 -21.08
C GLY D 230 5.02 12.57 -22.30
N ARG D 231 5.09 11.92 -23.45
CA ARG D 231 5.27 12.58 -24.74
C ARG D 231 3.95 12.51 -25.49
N ARG D 232 3.43 13.66 -25.89
CA ARG D 232 2.24 13.67 -26.71
C ARG D 232 2.56 13.08 -28.08
N LYS D 233 1.70 12.18 -28.55
CA LYS D 233 1.88 11.44 -29.79
C LYS D 233 0.51 11.17 -30.39
N ASP D 234 0.41 11.19 -31.74
CA ASP D 234 -0.85 10.73 -32.28
C ASP D 234 -0.92 9.22 -32.12
N ILE D 235 -2.16 8.70 -32.09
CA ILE D 235 -2.34 7.32 -31.65
C ILE D 235 -1.60 6.33 -32.55
N GLY D 236 -1.44 6.67 -33.83
CA GLY D 236 -0.64 5.86 -34.73
C GLY D 236 0.79 5.62 -34.31
N GLU D 237 1.58 6.69 -34.12
CA GLU D 237 2.96 6.47 -33.67
C GLU D 237 3.00 5.90 -32.26
N LEU D 238 2.04 6.26 -31.41
CA LEU D 238 1.98 5.75 -30.04
C LEU D 238 1.82 4.23 -30.03
N VAL D 239 0.85 3.73 -30.77
CA VAL D 239 0.65 2.29 -30.86
C VAL D 239 1.87 1.58 -31.45
N ALA D 240 2.57 2.23 -32.40
CA ALA D 240 3.71 1.61 -33.04
C ALA D 240 4.92 1.49 -32.10
N GLY D 241 5.11 2.46 -31.21
CA GLY D 241 6.29 2.46 -30.36
C GLY D 241 6.14 1.68 -29.07
N LEU D 242 4.89 1.40 -28.67
CA LEU D 242 4.66 0.61 -27.46
C LEU D 242 5.13 -0.83 -27.68
N ALA D 243 5.65 -1.43 -26.61
CA ALA D 243 6.15 -2.79 -26.62
C ALA D 243 5.22 -3.72 -27.40
N VAL E 26 25.75 18.80 -21.55
CA VAL E 26 24.78 19.81 -21.13
C VAL E 26 23.47 19.12 -20.74
N ILE E 27 22.74 18.56 -21.70
CA ILE E 27 21.46 17.89 -21.46
C ILE E 27 21.66 16.38 -21.63
N ARG E 28 21.49 15.64 -20.52
CA ARG E 28 21.59 14.18 -20.57
C ARG E 28 20.54 13.56 -19.66
N TYR E 29 19.63 12.77 -20.25
CA TYR E 29 18.64 12.06 -19.45
C TYR E 29 19.19 10.70 -19.06
N THR E 30 18.82 10.23 -17.86
CA THR E 30 19.27 8.93 -17.38
C THR E 30 18.11 8.18 -16.74
N LEU E 31 18.03 6.88 -17.04
CA LEU E 31 16.89 6.06 -16.68
C LEU E 31 17.38 4.79 -15.99
N TRP E 32 16.77 4.46 -14.86
CA TRP E 32 17.02 3.21 -14.15
C TRP E 32 15.74 2.39 -14.19
N SER E 33 15.78 1.24 -14.86
CA SER E 33 14.59 0.41 -15.10
C SER E 33 14.78 -0.93 -14.40
N VAL E 34 13.89 -1.25 -13.47
CA VAL E 34 13.96 -2.46 -12.64
C VAL E 34 12.87 -3.43 -13.06
N PHE E 35 13.23 -4.71 -13.13
CA PHE E 35 12.35 -5.76 -13.59
C PHE E 35 12.39 -6.94 -12.61
N LYS E 36 11.29 -7.67 -12.55
CA LYS E 36 11.19 -8.90 -11.77
C LYS E 36 10.87 -10.05 -12.72
N LEU E 37 11.41 -11.24 -12.45
CA LEU E 37 11.03 -12.43 -13.21
C LEU E 37 9.56 -12.72 -13.01
N LYS E 38 8.85 -13.05 -14.10
CA LYS E 38 7.48 -13.51 -13.97
C LYS E 38 7.42 -14.81 -13.17
N ASP E 39 8.28 -15.78 -13.49
CA ASP E 39 8.40 -16.95 -12.65
C ASP E 39 9.88 -17.35 -12.60
N THR E 40 10.31 -18.21 -13.53
CA THR E 40 11.72 -18.51 -13.75
C THR E 40 11.97 -18.42 -15.25
N LEU E 41 13.24 -18.45 -15.62
CA LEU E 41 13.58 -18.51 -17.03
C LEU E 41 13.49 -19.93 -17.54
N PRO E 42 13.39 -20.13 -18.85
CA PRO E 42 13.43 -21.49 -19.39
C PRO E 42 14.75 -22.18 -19.06
N GLU E 43 14.67 -23.49 -18.86
CA GLU E 43 15.86 -24.29 -18.61
C GLU E 43 16.85 -24.16 -19.75
N ASP E 44 16.37 -24.09 -20.99
CA ASP E 44 17.17 -23.74 -22.15
C ASP E 44 16.82 -22.31 -22.54
N ARG E 45 17.77 -21.41 -22.36
CA ARG E 45 17.52 -20.00 -22.61
C ARG E 45 18.52 -19.51 -23.64
N ALA E 46 18.66 -20.27 -24.72
CA ALA E 46 19.81 -20.15 -25.60
C ALA E 46 19.91 -18.75 -26.23
N GLY E 47 18.92 -18.36 -27.01
CA GLY E 47 19.07 -17.07 -27.65
C GLY E 47 18.83 -15.84 -26.78
N TYR E 48 18.57 -16.01 -25.47
CA TYR E 48 18.07 -14.91 -24.66
C TYR E 48 19.09 -13.78 -24.56
N ALA E 49 20.30 -14.10 -24.10
CA ALA E 49 21.28 -13.05 -23.85
C ALA E 49 21.80 -12.45 -25.15
N ASP E 50 21.81 -13.22 -26.24
CA ASP E 50 22.39 -12.66 -27.46
C ASP E 50 21.41 -11.70 -28.15
N GLU E 51 20.10 -11.99 -28.06
CA GLU E 51 19.11 -11.04 -28.55
C GLU E 51 19.23 -9.70 -27.83
N VAL E 52 19.41 -9.75 -26.50
CA VAL E 52 19.54 -8.50 -25.73
C VAL E 52 20.84 -7.79 -26.08
N GLN E 53 21.93 -8.54 -26.21
CA GLN E 53 23.21 -7.94 -26.56
C GLN E 53 23.15 -7.31 -27.95
N GLU E 54 22.47 -7.96 -28.88
CA GLU E 54 22.28 -7.37 -30.21
C GLU E 54 21.49 -6.07 -30.11
N LEU E 55 20.42 -6.04 -29.31
CA LEU E 55 19.68 -4.80 -29.09
C LEU E 55 20.57 -3.74 -28.47
N PHE E 56 21.35 -4.11 -27.45
CA PHE E 56 22.25 -3.14 -26.84
C PHE E 56 23.22 -2.57 -27.87
N ASP E 57 23.62 -3.39 -28.84
CA ASP E 57 24.57 -2.92 -29.85
C ASP E 57 23.92 -1.91 -30.79
N GLN E 58 22.66 -2.16 -31.19
CA GLN E 58 21.97 -1.21 -32.06
C GLN E 58 21.58 0.07 -31.35
N LEU E 59 21.38 0.03 -30.02
CA LEU E 59 21.04 1.24 -29.27
C LEU E 59 22.26 2.14 -29.11
N ALA E 60 23.42 1.55 -28.86
CA ALA E 60 24.65 2.33 -28.79
C ALA E 60 24.89 3.07 -30.10
N ALA E 61 24.56 2.42 -31.23
CA ALA E 61 24.62 3.08 -32.51
C ALA E 61 23.68 4.28 -32.58
N LYS E 62 22.57 4.23 -31.84
CA LYS E 62 21.60 5.32 -31.78
C LYS E 62 21.86 6.29 -30.64
N ASP E 63 23.07 6.29 -30.08
CA ASP E 63 23.50 7.25 -29.07
C ASP E 63 22.82 7.00 -27.71
N VAL E 64 22.30 5.81 -27.47
CA VAL E 64 21.79 5.41 -26.17
C VAL E 64 22.86 4.58 -25.47
N THR E 65 23.35 5.05 -24.33
CA THR E 65 24.42 4.36 -23.60
C THR E 65 23.83 3.42 -22.56
N ILE E 66 24.20 2.14 -22.63
CA ILE E 66 23.89 1.17 -21.58
C ILE E 66 25.05 1.22 -20.59
N ARG E 67 24.86 1.92 -19.47
CA ARG E 67 25.96 2.01 -18.51
C ARG E 67 26.18 0.69 -17.77
N GLY E 68 25.12 -0.06 -17.53
CA GLY E 68 25.25 -1.36 -16.88
C GLY E 68 23.93 -2.10 -16.77
N THR E 69 24.00 -3.43 -16.71
CA THR E 69 22.91 -4.26 -16.23
C THR E 69 23.32 -4.89 -14.89
N TYR E 70 22.36 -5.00 -13.96
CA TYR E 70 22.66 -5.36 -12.58
C TYR E 70 21.75 -6.48 -12.08
N ASP E 71 22.36 -7.43 -11.37
CA ASP E 71 21.63 -8.55 -10.78
C ASP E 71 21.16 -8.09 -9.40
N LEU E 72 19.84 -7.96 -9.24
CA LEU E 72 19.27 -7.50 -7.97
C LEU E 72 18.69 -8.65 -7.14
N SER E 73 18.71 -9.87 -7.69
CA SER E 73 17.97 -10.98 -7.11
C SER E 73 18.53 -11.35 -5.74
N GLY E 74 17.65 -11.82 -4.87
CA GLY E 74 18.05 -12.17 -3.51
C GLY E 74 18.12 -11.00 -2.57
N LEU E 75 18.75 -9.90 -3.00
CA LEU E 75 18.74 -8.68 -2.19
C LEU E 75 17.35 -8.03 -2.14
N ARG E 76 16.49 -8.35 -3.10
CA ARG E 76 15.09 -7.93 -3.08
C ARG E 76 14.21 -9.06 -3.55
N ALA E 77 13.07 -9.26 -2.87
CA ALA E 77 12.15 -10.31 -3.29
C ALA E 77 11.39 -9.92 -4.55
N ASP E 78 11.15 -8.63 -4.76
CA ASP E 78 10.33 -8.16 -5.86
C ASP E 78 11.15 -7.53 -6.98
N ALA E 79 12.37 -8.00 -7.20
CA ALA E 79 13.19 -7.42 -8.26
C ALA E 79 14.34 -8.37 -8.57
N ASP E 80 14.69 -8.47 -9.85
CA ASP E 80 15.78 -9.35 -10.25
C ASP E 80 16.84 -8.67 -11.14
N LEU E 81 16.46 -7.64 -11.90
CA LEU E 81 17.30 -7.05 -12.95
C LEU E 81 17.11 -5.54 -13.03
N MET E 82 18.21 -4.79 -13.17
CA MET E 82 18.13 -3.35 -13.40
C MET E 82 18.97 -2.98 -14.62
N ILE E 83 18.42 -2.15 -15.50
CA ILE E 83 19.15 -1.60 -16.64
C ILE E 83 19.36 -0.11 -16.36
N TRP E 84 20.60 0.36 -16.49
CA TRP E 84 20.92 1.78 -16.38
C TRP E 84 21.34 2.30 -17.76
N TRP E 85 20.52 3.19 -18.34
CA TRP E 85 20.79 3.72 -19.67
C TRP E 85 20.58 5.23 -19.68
N HIS E 86 21.29 5.91 -20.58
CA HIS E 86 21.14 7.35 -20.68
C HIS E 86 21.27 7.77 -22.14
N ALA E 87 20.83 8.99 -22.43
CA ALA E 87 20.71 9.49 -23.79
C ALA E 87 20.40 10.98 -23.73
N GLU E 88 20.36 11.61 -24.91
CA GLU E 88 20.17 13.05 -24.99
C GLU E 88 18.71 13.47 -24.80
N THR E 89 17.74 12.61 -25.14
CA THR E 89 16.32 12.90 -24.94
C THR E 89 15.62 11.80 -24.16
N ALA E 90 14.59 12.19 -23.41
CA ALA E 90 13.76 11.18 -22.76
C ALA E 90 13.19 10.21 -23.78
N ASP E 91 12.83 10.74 -24.96
CA ASP E 91 12.17 9.94 -26.00
C ASP E 91 13.03 8.75 -26.44
N GLN E 92 14.34 8.92 -26.55
CA GLN E 92 15.15 7.79 -26.97
C GLN E 92 15.18 6.70 -25.89
N LEU E 93 15.08 7.08 -24.62
CA LEU E 93 15.06 6.09 -23.55
C LEU E 93 13.73 5.37 -23.52
N GLN E 94 12.64 6.08 -23.84
CA GLN E 94 11.36 5.40 -23.95
C GLN E 94 11.39 4.35 -25.04
N GLU E 95 12.05 4.66 -26.18
CA GLU E 95 12.07 3.68 -27.27
C GLU E 95 12.89 2.46 -26.90
N ALA E 96 14.06 2.68 -26.28
CA ALA E 96 14.89 1.58 -25.82
C ALA E 96 14.14 0.70 -24.83
N TYR E 97 13.42 1.33 -23.89
CA TYR E 97 12.65 0.58 -22.91
C TYR E 97 11.68 -0.38 -23.60
N ASN E 98 10.89 0.14 -24.53
CA ASN E 98 9.91 -0.68 -25.24
C ASN E 98 10.57 -1.75 -26.10
N LEU E 99 11.68 -1.41 -26.78
CA LEU E 99 12.39 -2.43 -27.56
C LEU E 99 12.89 -3.56 -26.66
N PHE E 100 13.40 -3.23 -25.48
CA PHE E 100 13.85 -4.28 -24.57
C PHE E 100 12.69 -5.19 -24.17
N ARG E 101 11.51 -4.63 -23.93
CA ARG E 101 10.38 -5.44 -23.52
C ARG E 101 9.91 -6.40 -24.60
N ARG E 102 10.22 -6.15 -25.88
CA ARG E 102 9.83 -7.07 -26.95
C ARG E 102 10.71 -8.30 -27.03
N THR E 103 11.90 -8.20 -26.46
CA THR E 103 12.85 -9.28 -26.30
C THR E 103 12.26 -10.48 -25.54
N LYS E 104 12.80 -11.68 -25.81
CA LYS E 104 12.43 -12.88 -25.05
C LYS E 104 12.69 -12.72 -23.55
N LEU E 105 13.83 -12.13 -23.18
CA LEU E 105 14.07 -11.85 -21.77
C LEU E 105 13.07 -10.81 -21.26
N GLY E 106 12.83 -9.74 -22.03
CA GLY E 106 11.84 -8.76 -21.63
C GLY E 106 10.47 -9.36 -21.40
N ARG E 107 10.06 -10.30 -22.29
CA ARG E 107 8.77 -10.95 -22.15
C ARG E 107 8.70 -11.95 -21.00
N ALA E 108 9.83 -12.28 -20.38
CA ALA E 108 9.81 -13.10 -19.16
C ALA E 108 9.84 -12.27 -17.90
N LEU E 109 9.86 -10.94 -18.02
CA LEU E 109 10.03 -10.01 -16.92
C LEU E 109 8.82 -9.09 -16.79
N GLU E 110 8.53 -8.68 -15.53
CA GLU E 110 7.53 -7.68 -15.18
C GLU E 110 8.24 -6.41 -14.79
N PRO E 111 7.85 -5.26 -15.35
CA PRO E 111 8.39 -3.99 -14.85
C PRO E 111 7.98 -3.78 -13.42
N VAL E 112 8.92 -3.28 -12.61
CA VAL E 112 8.70 -3.01 -11.19
C VAL E 112 8.81 -1.53 -10.90
N TRP E 113 9.86 -0.89 -11.37
CA TRP E 113 10.16 0.50 -11.02
C TRP E 113 11.05 1.06 -12.11
N SER E 114 10.66 2.19 -12.68
CA SER E 114 11.43 2.79 -13.77
C SER E 114 11.36 4.29 -13.61
N ASN E 115 12.50 4.93 -13.35
CA ASN E 115 12.50 6.35 -13.02
C ASN E 115 13.62 7.07 -13.75
N MET E 116 13.26 8.22 -14.33
CA MET E 116 14.15 9.04 -15.13
C MET E 116 14.60 10.26 -14.32
N ALA E 117 15.82 10.73 -14.62
CA ALA E 117 16.36 11.95 -14.02
C ALA E 117 17.05 12.75 -15.11
N LEU E 118 17.31 14.03 -14.83
CA LEU E 118 17.92 14.92 -15.81
C LEU E 118 19.04 15.70 -15.14
N HIS E 119 20.24 15.65 -15.70
CA HIS E 119 21.32 16.41 -15.09
C HIS E 119 21.11 17.91 -15.34
N ARG E 120 20.96 18.67 -14.25
CA ARG E 120 20.86 20.12 -14.22
C ARG E 120 22.04 20.69 -13.42
N PRO E 121 22.32 21.98 -13.55
CA PRO E 121 23.42 22.57 -12.75
C PRO E 121 23.13 22.50 -11.26
N ALA E 122 24.20 22.33 -10.48
CA ALA E 122 24.06 22.26 -9.04
C ALA E 122 23.75 23.64 -8.46
N GLU E 123 23.13 23.64 -7.29
CA GLU E 123 22.75 24.90 -6.64
C GLU E 123 23.98 25.69 -6.19
N PHE E 124 25.01 25.02 -5.67
CA PHE E 124 26.13 25.72 -5.07
C PHE E 124 27.48 25.32 -5.67
N ASN E 125 27.85 24.04 -5.64
CA ASN E 125 29.10 23.57 -6.23
C ASN E 125 28.81 23.01 -7.62
N ARG E 126 29.04 23.82 -8.64
CA ARG E 126 28.74 23.45 -10.03
C ARG E 126 29.86 22.61 -10.67
N SER E 127 30.82 22.13 -9.87
CA SER E 127 31.79 21.15 -10.31
C SER E 127 31.29 19.72 -10.16
N HIS E 128 30.31 19.49 -9.28
CA HIS E 128 29.79 18.16 -9.04
C HIS E 128 29.10 17.62 -10.28
N ILE E 129 29.72 16.64 -10.92
CA ILE E 129 29.15 16.03 -12.12
C ILE E 129 28.92 14.55 -11.79
N PRO E 130 27.78 13.98 -12.15
CA PRO E 130 27.56 12.55 -11.92
C PRO E 130 28.65 11.72 -12.56
N ALA E 131 29.03 10.64 -11.85
CA ALA E 131 30.05 9.70 -12.33
C ALA E 131 29.81 9.27 -13.77
N PHE E 132 28.57 8.96 -14.12
CA PHE E 132 28.30 8.50 -15.48
C PHE E 132 28.58 9.62 -16.48
N LEU E 133 28.40 10.87 -16.06
CA LEU E 133 28.63 11.99 -16.95
C LEU E 133 30.10 12.34 -17.08
N ALA E 134 30.93 11.89 -16.15
CA ALA E 134 32.36 12.11 -16.20
C ALA E 134 33.09 10.97 -16.91
N ASP E 135 32.36 10.14 -17.67
CA ASP E 135 32.94 8.98 -18.36
C ASP E 135 33.80 8.15 -17.41
N GLU E 136 33.35 8.03 -16.17
CA GLU E 136 34.03 7.19 -15.21
C GLU E 136 33.57 5.74 -15.39
N THR E 137 34.50 4.83 -15.13
CA THR E 137 34.22 3.40 -15.24
C THR E 137 33.12 3.01 -14.24
N PRO E 138 32.11 2.25 -14.68
CA PRO E 138 31.10 1.78 -13.73
C PRO E 138 31.64 0.64 -12.86
N ARG E 139 31.41 0.75 -11.55
CA ARG E 139 32.03 -0.17 -10.60
C ARG E 139 31.20 -1.46 -10.51
N ASN E 140 31.65 -2.36 -9.64
CA ASN E 140 31.04 -3.69 -9.56
C ASN E 140 29.68 -3.68 -8.85
N TYR E 141 29.45 -2.75 -7.95
CA TYR E 141 28.22 -2.70 -7.15
C TYR E 141 27.58 -1.34 -7.24
N ILE E 142 26.24 -1.33 -7.21
CA ILE E 142 25.45 -0.10 -7.28
C ILE E 142 24.38 -0.15 -6.20
N SER E 143 24.03 1.02 -5.69
CA SER E 143 22.87 1.18 -4.81
C SER E 143 22.12 2.41 -5.30
N VAL E 144 20.88 2.21 -5.79
CA VAL E 144 20.07 3.25 -6.42
C VAL E 144 18.86 3.52 -5.51
N TYR E 145 18.58 4.79 -5.23
CA TYR E 145 17.35 5.10 -4.50
C TYR E 145 16.88 6.50 -4.82
N PRO E 146 15.57 6.75 -4.75
CA PRO E 146 15.04 8.08 -5.01
C PRO E 146 15.10 8.88 -3.74
N PHE E 147 14.87 10.19 -3.87
CA PHE E 147 15.05 11.05 -2.72
C PHE E 147 14.06 12.19 -2.77
N VAL E 148 13.51 12.53 -1.60
CA VAL E 148 12.60 13.65 -1.44
C VAL E 148 12.97 14.39 -0.17
N ARG E 149 13.22 15.69 -0.29
CA ARG E 149 13.57 16.48 0.86
C ARG E 149 12.32 16.98 1.59
N SER E 150 12.53 17.46 2.81
CA SER E 150 11.48 18.10 3.58
C SER E 150 10.88 19.29 2.81
N TYR E 151 9.70 19.69 3.25
CA TYR E 151 9.00 20.78 2.58
C TYR E 151 9.74 22.10 2.73
N ASP E 152 10.45 22.29 3.84
CA ASP E 152 11.09 23.56 4.12
C ASP E 152 12.55 23.63 3.69
N TRP E 153 13.12 22.53 3.20
CA TRP E 153 14.52 22.53 2.78
C TRP E 153 14.84 23.63 1.79
N TYR E 154 14.05 23.71 0.72
CA TYR E 154 14.29 24.69 -0.32
C TYR E 154 13.85 26.09 0.08
N LEU E 155 13.20 26.23 1.24
CA LEU E 155 12.82 27.53 1.77
C LEU E 155 13.79 28.06 2.81
N LEU E 156 14.83 27.30 3.15
CA LEU E 156 15.83 27.80 4.09
C LEU E 156 16.67 28.88 3.42
N PRO E 157 17.25 29.79 4.20
CA PRO E 157 18.24 30.72 3.66
C PRO E 157 19.32 29.95 2.89
N ASP E 158 19.69 30.46 1.71
CA ASP E 158 20.73 29.82 0.90
C ASP E 158 21.97 29.54 1.72
N GLU E 159 22.25 30.39 2.71
CA GLU E 159 23.40 30.19 3.58
C GLU E 159 23.28 28.86 4.34
N ASP E 160 22.09 28.55 4.87
CA ASP E 160 21.95 27.32 5.64
C ASP E 160 22.04 26.09 4.74
N ARG E 161 21.43 26.16 3.56
CA ARG E 161 21.51 25.03 2.63
C ARG E 161 22.94 24.82 2.15
N ARG E 162 23.71 25.90 2.03
CA ARG E 162 25.10 25.77 1.60
C ARG E 162 25.94 25.05 2.65
N ARG E 163 25.79 25.43 3.93
CA ARG E 163 26.61 24.82 4.98
C ARG E 163 26.38 23.32 5.07
N MET E 164 25.11 22.89 5.06
CA MET E 164 24.82 21.49 5.28
C MET E 164 25.29 20.64 4.11
N LEU E 165 25.11 21.14 2.88
CA LEU E 165 25.64 20.43 1.72
C LEU E 165 27.15 20.37 1.74
N ALA E 166 27.80 21.45 2.21
CA ALA E 166 29.26 21.44 2.31
C ALA E 166 29.73 20.41 3.32
N ASP E 167 29.08 20.34 4.48
CA ASP E 167 29.36 19.28 5.42
C ASP E 167 29.16 17.92 4.77
N HIS E 168 28.07 17.78 4.01
CA HIS E 168 27.71 16.54 3.33
C HIS E 168 28.86 16.01 2.48
N VAL E 169 29.60 16.89 1.80
CA VAL E 169 30.70 16.41 0.97
C VAL E 169 31.97 16.19 1.79
N LYS E 170 32.15 16.95 2.87
CA LYS E 170 33.33 16.77 3.70
C LYS E 170 33.34 15.39 4.33
N MET E 171 32.21 14.98 4.91
CA MET E 171 32.12 13.66 5.53
C MET E 171 32.23 12.55 4.50
N ALA E 172 31.76 12.79 3.27
CA ALA E 172 31.92 11.82 2.20
C ALA E 172 33.36 11.71 1.70
N ARG E 173 34.25 12.61 2.14
CA ARG E 173 35.56 12.74 1.48
C ARG E 173 36.44 11.54 1.78
N GLY E 174 36.21 10.88 2.92
CA GLY E 174 36.86 9.65 3.30
C GLY E 174 36.38 8.40 2.60
N TYR E 175 35.53 8.53 1.59
CA TYR E 175 35.07 7.39 0.78
C TYR E 175 35.18 7.73 -0.70
N PRO E 176 36.37 8.13 -1.17
CA PRO E 176 36.49 8.51 -2.58
C PRO E 176 36.32 7.33 -3.54
N ASP E 177 36.42 6.10 -3.04
CA ASP E 177 36.24 4.90 -3.85
C ASP E 177 34.78 4.58 -4.18
N VAL E 178 33.81 5.23 -3.53
CA VAL E 178 32.42 5.05 -3.92
C VAL E 178 31.96 6.30 -4.63
N ARG E 179 31.52 6.14 -5.89
CA ARG E 179 31.27 7.26 -6.79
C ARG E 179 29.80 7.62 -6.72
N ALA E 180 29.50 8.92 -6.62
CA ALA E 180 28.13 9.42 -6.48
C ALA E 180 27.56 9.84 -7.84
N ASN E 181 26.25 9.58 -8.02
CA ASN E 181 25.46 10.03 -9.17
C ASN E 181 24.15 10.60 -8.65
N THR E 182 24.09 11.90 -8.38
CA THR E 182 22.87 12.52 -7.87
C THR E 182 22.28 13.42 -8.96
N VAL E 183 21.09 13.08 -9.43
CA VAL E 183 20.51 13.71 -10.60
C VAL E 183 19.11 14.19 -10.26
N ALA E 184 18.77 15.39 -10.74
CA ALA E 184 17.45 15.97 -10.50
C ALA E 184 16.36 15.18 -11.20
N SER E 185 15.20 15.01 -10.54
CA SER E 185 14.09 14.30 -11.18
C SER E 185 12.74 14.97 -10.97
N PHE E 186 12.70 16.21 -10.47
CA PHE E 186 11.47 16.98 -10.33
C PHE E 186 10.60 16.86 -11.57
N SER E 187 9.38 16.35 -11.40
CA SER E 187 8.29 16.35 -12.37
C SER E 187 8.36 15.17 -13.35
N LEU E 188 9.44 14.37 -13.36
CA LEU E 188 9.51 13.18 -14.22
C LEU E 188 8.92 11.95 -13.56
N GLY E 189 8.60 12.04 -12.29
CA GLY E 189 8.13 10.91 -11.51
C GLY E 189 7.83 11.43 -10.12
N ASP E 190 7.71 10.50 -9.17
CA ASP E 190 7.21 10.88 -7.84
C ASP E 190 8.27 11.54 -6.95
N TYR E 191 9.48 11.80 -7.45
CA TYR E 191 10.59 12.14 -6.56
C TYR E 191 11.20 13.50 -6.90
N GLU E 192 12.24 13.85 -6.15
CA GLU E 192 13.00 15.08 -6.41
C GLU E 192 14.39 14.82 -6.98
N TRP E 193 15.07 13.78 -6.50
CA TRP E 193 16.36 13.34 -7.00
C TRP E 193 16.35 11.83 -7.10
N ILE E 194 17.13 11.29 -8.04
CA ILE E 194 17.54 9.89 -8.01
C ILE E 194 19.03 9.87 -7.69
N LEU E 195 19.41 9.02 -6.72
CA LEU E 195 20.80 8.80 -6.34
C LEU E 195 21.24 7.40 -6.75
N ALA E 196 22.49 7.28 -7.19
CA ALA E 196 23.10 6.00 -7.55
C ALA E 196 24.55 6.05 -7.10
N PHE E 197 24.90 5.18 -6.16
CA PHE E 197 26.27 5.05 -5.66
C PHE E 197 26.86 3.78 -6.21
N GLU E 198 28.09 3.88 -6.72
CA GLU E 198 28.85 2.77 -7.31
C GLU E 198 30.16 2.62 -6.54
N ALA E 199 30.53 1.37 -6.32
CA ALA E 199 31.75 1.04 -5.59
C ALA E 199 32.12 -0.39 -5.95
N ASP E 200 33.42 -0.69 -5.89
CA ASP E 200 33.87 -2.02 -6.25
C ASP E 200 33.74 -3.01 -5.08
N GLU E 201 33.61 -2.52 -3.86
CA GLU E 201 33.37 -3.32 -2.67
C GLU E 201 32.02 -2.91 -2.07
N LEU E 202 31.11 -3.89 -1.93
CA LEU E 202 29.76 -3.57 -1.45
C LEU E 202 29.78 -2.96 -0.05
N HIS E 203 30.63 -3.46 0.85
CA HIS E 203 30.60 -2.93 2.21
C HIS E 203 30.99 -1.45 2.29
N ARG E 204 31.65 -0.89 1.27
CA ARG E 204 31.97 0.53 1.32
C ARG E 204 30.72 1.41 1.16
N ILE E 205 29.78 1.01 0.30
CA ILE E 205 28.52 1.75 0.22
C ILE E 205 27.80 1.71 1.55
N VAL E 206 27.77 0.54 2.20
CA VAL E 206 27.14 0.41 3.52
C VAL E 206 27.77 1.39 4.50
N ASP E 207 29.11 1.38 4.58
CA ASP E 207 29.77 2.22 5.58
C ASP E 207 29.56 3.70 5.30
N LEU E 208 29.66 4.11 4.03
CA LEU E 208 29.42 5.51 3.70
C LEU E 208 28.01 5.92 4.10
N MET E 209 27.01 5.13 3.69
CA MET E 209 25.62 5.44 3.99
C MET E 209 25.43 5.62 5.49
N ARG E 210 25.98 4.68 6.29
CA ARG E 210 25.86 4.79 7.75
C ARG E 210 26.60 6.01 8.27
N HIS E 211 27.76 6.32 7.69
CA HIS E 211 28.51 7.50 8.12
C HIS E 211 27.72 8.76 7.82
N LEU E 212 27.11 8.85 6.63
CA LEU E 212 26.29 10.01 6.26
C LEU E 212 25.06 10.16 7.14
N ARG E 213 24.72 9.19 7.99
CA ARG E 213 23.62 9.42 8.93
C ARG E 213 23.95 10.50 9.95
N GLY E 214 25.23 10.79 10.15
CA GLY E 214 25.61 11.84 11.07
C GLY E 214 25.61 13.22 10.45
N SER E 215 25.11 13.37 9.22
CA SER E 215 24.99 14.66 8.56
C SER E 215 23.75 15.39 9.05
N GLU E 216 23.86 16.70 9.26
CA GLU E 216 22.67 17.34 9.76
C GLU E 216 21.63 17.60 8.67
N ALA E 217 21.97 17.42 7.38
CA ALA E 217 20.97 17.40 6.33
C ALA E 217 19.96 16.27 6.50
N ARG E 218 20.24 15.30 7.37
CA ARG E 218 19.30 14.22 7.68
C ARG E 218 18.02 14.71 8.37
N ARG E 219 18.03 15.93 8.95
CA ARG E 219 16.80 16.51 9.50
C ARG E 219 15.83 17.00 8.43
N HIS E 220 16.18 16.86 7.17
CA HIS E 220 15.42 17.44 6.07
C HIS E 220 15.16 16.38 5.01
N VAL E 221 14.64 15.23 5.44
CA VAL E 221 14.36 14.10 4.56
C VAL E 221 12.92 13.67 4.78
N ARG E 222 12.21 13.40 3.68
CA ARG E 222 10.87 12.82 3.70
C ARG E 222 10.81 11.41 3.12
N GLU E 223 11.63 11.10 2.12
CA GLU E 223 11.55 9.79 1.46
C GLU E 223 12.87 9.45 0.80
N GLU E 224 13.21 8.15 0.82
CA GLU E 224 14.48 7.68 0.25
C GLU E 224 14.43 6.20 -0.11
N ILE E 225 13.25 5.63 -0.26
CA ILE E 225 13.05 4.23 -0.65
C ILE E 225 12.13 4.21 -1.86
N PRO E 226 12.16 3.13 -2.66
CA PRO E 226 12.91 1.87 -2.51
C PRO E 226 14.42 1.96 -2.79
N PHE E 227 15.21 1.10 -2.15
CA PHE E 227 16.63 0.90 -2.46
C PHE E 227 16.78 -0.30 -3.37
N TYR E 228 17.46 -0.12 -4.49
CA TYR E 228 17.75 -1.23 -5.39
C TYR E 228 19.26 -1.36 -5.42
N THR E 229 19.76 -2.48 -4.91
CA THR E 229 21.20 -2.67 -4.74
C THR E 229 21.59 -3.95 -5.42
N GLY E 230 22.65 -3.92 -6.23
CA GLY E 230 22.98 -5.15 -6.93
C GLY E 230 24.37 -5.17 -7.53
N ARG E 231 24.62 -6.25 -8.27
CA ARG E 231 25.95 -6.57 -8.78
C ARG E 231 25.95 -6.38 -10.29
N ARG E 232 26.88 -5.56 -10.77
CA ARG E 232 27.02 -5.34 -12.20
C ARG E 232 27.46 -6.63 -12.87
N LYS E 233 26.75 -7.03 -13.93
CA LYS E 233 27.08 -8.21 -14.72
C LYS E 233 26.79 -7.92 -16.18
N ASP E 234 27.59 -8.51 -17.07
CA ASP E 234 27.19 -8.43 -18.46
C ASP E 234 26.05 -9.42 -18.72
N ILE E 235 25.31 -9.15 -19.79
CA ILE E 235 23.99 -9.76 -19.97
C ILE E 235 24.06 -11.28 -20.09
N GLY E 236 25.15 -11.83 -20.63
CA GLY E 236 25.23 -13.29 -20.72
C GLY E 236 25.24 -13.95 -19.36
N GLU E 237 26.13 -13.49 -18.48
CA GLU E 237 26.25 -14.07 -17.14
C GLU E 237 25.00 -13.80 -16.32
N LEU E 238 24.39 -12.62 -16.51
CA LEU E 238 23.19 -12.27 -15.75
C LEU E 238 22.07 -13.24 -16.05
N VAL E 239 21.79 -13.45 -17.35
CA VAL E 239 20.77 -14.40 -17.77
C VAL E 239 21.08 -15.80 -17.25
N ALA E 240 22.36 -16.16 -17.15
CA ALA E 240 22.69 -17.53 -16.77
C ALA E 240 22.46 -17.75 -15.29
N GLY E 241 22.68 -16.71 -14.47
CA GLY E 241 22.54 -16.82 -13.04
C GLY E 241 21.13 -16.59 -12.48
N LEU E 242 20.21 -16.06 -13.28
CA LEU E 242 18.82 -15.91 -12.82
C LEU E 242 18.13 -17.26 -12.76
N ALA E 243 17.25 -17.43 -11.78
CA ALA E 243 16.47 -18.65 -11.63
C ALA E 243 15.81 -19.05 -12.96
C06 VOV F . -12.36 -2.31 25.53
C07 VOV F . -11.31 -1.74 24.78
C08 VOV F . -11.30 -1.15 23.49
C09 VOV F . -9.98 -0.74 23.24
C10 VOV F . -9.23 -1.11 24.37
C11 VOV F . -12.50 -0.98 22.61
C12 VOV F . -9.40 -0.08 22.00
C13 VOV F . -10.24 0.96 21.30
C14 VOV F . -10.11 2.31 21.93
C17 VOV F . -7.85 -0.90 24.51
C18 VOV F . -7.03 -1.62 25.34
C19 VOV F . -5.61 -1.78 25.20
C20 VOV F . -5.16 -2.56 26.23
C21 VOV F . -6.34 -2.86 26.99
C22 VOV F . -4.80 -1.21 24.09
C23 VOV F . -3.77 -3.02 26.50
C24 VOV F . -3.13 -2.30 27.65
C25 VOV F . -2.34 -1.13 27.21
C28 VOV F . -6.37 -3.61 28.13
C29 VOV F . -7.43 -3.77 29.02
C30 VOV F . -7.39 -4.36 30.29
C31 VOV F . -8.68 -4.31 30.81
C32 VOV F . -9.48 -3.68 29.85
C33 VOV F . -9.13 -4.81 32.14
C34 VOV F . -6.17 -4.94 30.98
C35 VOV F . -5.16 -3.87 31.35
C36 VOV F . -5.06 -3.59 32.83
C39 VOV F . -10.86 -3.42 29.91
C40 VOV F . -11.72 -3.25 28.85
C41 VOV F . -13.14 -3.44 28.83
C42 VOV F . -13.59 -3.12 27.58
C43 VOV F . -12.40 -2.74 26.83
C44 VOV F . -13.93 -3.90 30.03
C45 VOV F . -14.99 -3.17 27.10
C46 VOV F . -15.93 -4.05 27.30
N02 VOV F . -10.03 -1.73 25.32
N03 VOV F . -7.47 -2.28 26.44
N04 VOV F . -8.72 -3.34 28.74
N05 VOV F . -11.27 -2.82 27.61
O15 VOV F . -8.87 2.70 21.90
O16 VOV F . -10.92 2.70 22.74
O26 VOV F . -1.13 -1.12 27.71
O27 VOV F . -2.66 -0.54 26.20
O37 VOV F . -6.02 -3.27 33.51
O38 VOV F . -3.83 -3.52 33.27
FE VOV F . -9.38 -2.40 27.09
P PO4 G . -28.66 -5.70 16.20
O1 PO4 G . -29.03 -5.70 14.74
O2 PO4 G . -27.86 -4.45 16.48
O3 PO4 G . -29.94 -5.68 17.04
O4 PO4 G . -27.90 -6.97 16.53
C06 VOV H . 17.08 -6.29 21.79
C07 VOV H . 16.62 -5.27 20.91
C08 VOV H . 15.32 -5.05 20.33
C09 VOV H . 15.42 -3.91 19.52
C10 VOV H . 16.76 -3.49 19.60
C11 VOV H . 14.09 -5.87 20.59
C12 VOV H . 14.38 -3.25 18.64
C13 VOV H . 12.98 -3.13 19.18
C14 VOV H . 12.91 -2.35 20.45
C17 VOV H . 17.25 -2.40 18.89
C18 VOV H . 18.58 -2.17 18.61
C19 VOV H . 19.09 -1.30 17.58
C20 VOV H . 20.45 -1.33 17.65
C21 VOV H . 20.75 -2.22 18.73
C22 VOV H . 18.24 -0.55 16.63
C23 VOV H . 21.44 -0.61 16.77
C24 VOV H . 22.18 0.49 17.47
C25 VOV H . 21.51 1.79 17.30
C28 VOV H . 22.01 -2.53 19.16
C29 VOV H . 22.38 -3.28 20.27
C30 VOV H . 23.70 -3.48 20.74
C31 VOV H . 23.59 -4.33 21.86
C32 VOV H . 22.22 -4.62 22.02
C33 VOV H . 24.71 -4.82 22.72
C34 VOV H . 24.98 -2.91 20.19
C35 VOV H . 25.02 -1.39 20.24
C36 VOV H . 26.07 -0.83 21.16
C39 VOV H . 21.62 -5.44 22.98
C40 VOV H . 20.39 -6.04 22.94
C41 VOV H . 19.97 -7.18 23.72
C42 VOV H . 18.65 -7.44 23.38
C43 VOV H . 18.30 -6.43 22.39
C44 VOV H . 20.85 -7.90 24.70
C45 VOV H . 17.81 -8.52 23.93
C46 VOV H . 18.09 -9.77 24.18
N02 VOV H . 17.50 -4.31 20.44
N03 VOV H . 19.61 -2.74 19.32
N04 VOV H . 21.46 -3.98 21.04
N05 VOV H . 19.37 -5.59 22.13
O15 VOV H . 13.06 -1.07 20.20
O16 VOV H . 13.01 -2.85 21.54
O26 VOV H . 22.35 2.73 16.93
O27 VOV H . 20.31 1.83 17.07
O37 VOV H . 26.08 -1.05 22.35
O38 VOV H . 26.79 0.10 20.59
FE VOV H . 19.45 -4.04 20.85
NA NA I . 15.09 -6.20 -0.12
P PO4 J . 6.19 -21.78 24.27
O1 PO4 J . 4.86 -22.07 23.62
O2 PO4 J . 6.14 -20.40 24.88
O3 PO4 J . 6.42 -22.79 25.38
O4 PO4 J . 7.29 -21.93 23.22
C06 VOV K . -21.53 17.94 5.11
C07 VOV K . -20.36 17.32 5.61
C08 VOV K . -19.12 17.00 4.93
C09 VOV K . -18.31 16.37 5.87
C10 VOV K . -19.05 16.31 7.06
C11 VOV K . -18.79 17.31 3.50
C12 VOV K . -16.91 15.81 5.71
C13 VOV K . -15.95 16.60 4.84
C14 VOV K . -15.28 17.68 5.58
C17 VOV K . -18.56 15.72 8.23
C18 VOV K . -19.31 15.29 9.27
C19 VOV K . -18.90 14.34 10.26
C20 VOV K . -19.91 14.18 11.17
C21 VOV K . -20.95 15.06 10.68
C22 VOV K . -17.57 13.68 10.25
C23 VOV K . -19.94 13.27 12.36
C24 VOV K . -19.85 13.97 13.70
C25 VOV K . -18.45 14.12 14.16
C28 VOV K . -22.16 15.24 11.27
C29 VOV K . -23.18 16.12 10.90
C30 VOV K . -24.40 16.33 11.60
C31 VOV K . -25.11 17.27 10.85
C32 VOV K . -24.34 17.60 9.74
C33 VOV K . -26.47 17.82 11.19
C34 VOV K . -24.83 15.70 12.89
C35 VOV K . -23.87 16.01 14.03
C36 VOV K . -24.52 16.56 15.27
C39 VOV K . -24.65 18.48 8.69
C40 VOV K . -24.11 18.54 7.44
C41 VOV K . -24.70 19.15 6.27
C42 VOV K . -23.82 19.00 5.24
C43 VOV K . -22.67 18.28 5.79
C44 VOV K . -26.05 19.81 6.28
C45 VOV K . -24.02 19.47 3.85
C46 VOV K . -24.95 19.09 3.01
N02 VOV K . -20.30 16.88 6.93
N03 VOV K . -20.59 15.72 9.52
N04 VOV K . -23.13 16.90 9.74
N05 VOV K . -22.86 18.00 7.14
O15 VOV K . -15.48 18.87 5.05
O16 VOV K . -14.61 17.47 6.58
O26 VOV K . -18.31 14.06 15.48
O27 VOV K . -17.55 14.37 13.39
O37 VOV K . -25.16 17.59 15.26
O38 VOV K . -24.05 16.03 16.37
FE VOV K . -21.63 17.03 8.40
P PO4 L . -23.56 18.94 -13.94
O1 PO4 L . -24.62 19.83 -14.57
O2 PO4 L . -22.95 19.65 -12.75
O3 PO4 L . -24.19 17.60 -13.56
O4 PO4 L . -22.46 18.72 -14.97
C06 VOV M . 2.45 26.04 -10.89
C07 VOV M . 2.07 25.26 -9.77
C08 VOV M . 2.66 24.07 -9.27
C09 VOV M . 1.93 23.71 -8.14
C10 VOV M . 0.90 24.66 -8.00
C11 VOV M . 3.88 23.38 -9.84
C12 VOV M . 2.11 22.48 -7.25
C13 VOV M . 3.54 22.14 -6.87
C14 VOV M . 4.15 23.20 -6.02
C17 VOV M . -0.09 24.65 -7.00
C18 VOV M . -1.32 25.25 -7.08
C19 VOV M . -2.50 24.90 -6.36
C20 VOV M . -3.51 25.75 -6.72
C21 VOV M . -2.91 26.61 -7.69
C22 VOV M . -2.58 23.78 -5.38
C23 VOV M . -4.95 25.74 -6.23
C24 VOV M . -5.36 26.99 -5.48
C25 VOV M . -5.10 26.87 -4.01
C28 VOV M . -3.55 27.64 -8.33
C29 VOV M . -2.99 28.62 -9.16
C30 VOV M . -3.64 29.74 -9.70
C31 VOV M . -2.69 30.41 -10.47
C32 VOV M . -1.51 29.67 -10.39
C33 VOV M . -2.88 31.67 -11.26
C34 VOV M . -5.06 30.19 -9.47
C35 VOV M . -5.45 30.30 -8.00
C36 VOV M . -5.68 31.71 -7.53
C39 VOV M . -0.28 29.93 -11.01
C40 VOV M . 0.70 29.05 -11.36
C41 VOV M . 1.68 29.20 -12.40
C42 VOV M . 2.46 28.08 -12.37
C43 VOV M . 1.95 27.25 -11.30
C44 VOV M . 1.75 30.39 -13.30
C45 VOV M . 3.58 27.81 -13.28
C46 VOV M . 3.55 27.74 -14.58
N02 VOV M . 0.98 25.62 -8.99
N03 VOV M . -1.58 26.32 -7.91
N04 VOV M . -1.67 28.55 -9.58
N05 VOV M . 0.87 27.86 -10.68
O15 VOV M . 4.86 24.03 -6.73
O16 VOV M . 3.69 23.48 -4.93
O26 VOV M . -4.22 25.92 -3.77
O27 VOV M . -5.83 27.34 -3.16
O37 VOV M . -4.82 32.39 -6.99
O38 VOV M . -6.95 32.02 -7.50
FE VOV M . -0.24 27.19 -9.15
P PO4 N . 14.32 18.34 -23.86
O1 PO4 N . 12.96 18.53 -24.51
O2 PO4 N . 15.37 19.19 -24.58
O3 PO4 N . 14.32 18.75 -22.42
O4 PO4 N . 14.73 16.89 -23.96
C06 VOV O . 26.27 11.16 -0.87
C07 VOV O . 24.90 11.39 -0.58
C08 VOV O . 23.91 10.52 0.01
C09 VOV O . 22.72 11.26 0.09
C10 VOV O . 23.00 12.52 -0.47
C11 VOV O . 24.14 9.10 0.48
C12 VOV O . 21.35 10.82 0.58
C13 VOV O . 21.33 9.96 1.82
C14 VOV O . 21.42 10.76 3.08
C17 VOV O . 22.06 13.54 -0.60
C18 VOV O . 22.11 14.56 -1.52
C19 VOV O . 20.98 15.30 -2.04
C20 VOV O . 21.46 16.23 -2.91
C21 VOV O . 22.87 16.03 -2.91
C22 VOV O . 19.56 15.04 -1.65
C23 VOV O . 20.67 17.23 -3.71
C24 VOV O . 20.81 18.65 -3.19
C25 VOV O . 19.70 19.03 -2.24
C28 VOV O . 23.75 16.75 -3.65
C29 VOV O . 25.15 16.68 -3.62
C30 VOV O . 26.04 17.52 -4.31
C31 VOV O . 27.33 17.08 -4.00
C32 VOV O . 27.19 15.99 -3.12
C33 VOV O . 28.63 17.65 -4.48
C34 VOV O . 25.70 18.66 -5.24
C35 VOV O . 24.81 19.72 -4.61
C36 VOV O . 25.49 21.04 -4.45
C39 VOV O . 28.19 15.20 -2.53
C40 VOV O . 28.09 13.90 -2.13
C41 VOV O . 29.16 12.94 -2.03
C42 VOV O . 28.62 11.77 -1.55
C43 VOV O . 27.20 12.03 -1.37
C44 VOV O . 30.58 13.24 -2.41
C45 VOV O . 29.35 10.52 -1.32
C46 VOV O . 30.06 9.83 -2.17
N02 VOV O . 24.32 12.62 -0.87
N03 VOV O . 23.28 15.01 -2.06
N04 VOV O . 25.84 15.73 -2.87
N05 VOV O . 26.90 13.34 -1.71
O15 VOV O . 22.60 10.65 3.64
O16 VOV O . 20.65 11.66 3.31
O26 VOV O . 19.46 18.10 -1.35
O27 VOV O . 19.24 20.16 -2.18
O37 VOV O . 25.02 22.08 -4.87
O38 VOV O . 26.74 20.93 -4.08
FE VOV O . 25.12 14.28 -1.66
#